data_1BF2
#
_entry.id   1BF2
#
_cell.length_a   138.900
_cell.length_b   152.400
_cell.length_c   53.500
_cell.angle_alpha   90.00
_cell.angle_beta   90.00
_cell.angle_gamma   90.00
#
_symmetry.space_group_name_H-M   'P 21 21 21'
#
loop_
_entity.id
_entity.type
_entity.pdbx_description
1 polymer ISOAMYLASE
2 non-polymer 'CALCIUM ION'
3 water water
#
_entity_poly.entity_id   1
_entity_poly.type   'polypeptide(L)'
_entity_poly.pdbx_seq_one_letter_code
;AINSMSLGASYDAQQANITFRVYSSQATRIVLYLYSAGYGVQESATYTLSPAGSGVWAVTVPVSSIKAAGITGAVYYGYR
AWGPNWPYASNWGKGSQAGFVSDVDANGDRFNPNKLLLDPYAQEVSQDPLNPSNQNGNVFASGASYRTTDSGIYAPKGVV
LVPSTQSTGTKPTRAQKDDVIYEVHVRGFTEQDTSIPAQYRGTYYGAGLKASYLASLGVTAVEFLPVQETQNDANDVVPN
SDANQNYWGYMTENYFSPDRRYAYNKAAGGPTAEFQAMVQAFHNAGIKVYMDVVYNHTAEGGTWTSSDPTTATIYSWRGL
DNATYYELTSGNQYFYDNTGIGANFNTYNTVAQNLIVDSLAYWANTMGVDGFRFDLASVLGNSCLNGAYTASAPNCPNGG
YNFDAADSNVAINRILREFTVRPAAGGSGLDLFAEPWAIGGNSYQLGGFPQGWSEWNGLFRDSLRQAQNELGSMTIYVTQ
DANDFSGSSNLFQSSGRSPWNSINFIDVHDGMTLKDVYSCNGANNSQAWPYGPSDGGTSTNYSWDQGMSAGTGAAVDQRR
AARTGMAFEMLSAGTPLMQGGDEYLRTLQCNNNAYNLDSSANWLTYSWTTDQSNFYTFAQRLIAFRKAHPALRPSSWYSG
SQLTWYQPSGAVADSNYWNNTSNYAIAYAINGPSLGDSNSIYVAYNGWSSSVTFTLPAPPSGTQWYRVTDTCDWNDGAST
FVAPGSETLIGGAGTTYGQCGQSLLLLISK
;
_entity_poly.pdbx_strand_id   A
#
# COMPACT_ATOMS: atom_id res chain seq x y z
N ALA A 1 18.91 9.36 -13.83
CA ALA A 1 18.12 10.62 -13.87
C ALA A 1 16.62 10.34 -13.96
N ILE A 2 15.83 11.40 -13.78
CA ILE A 2 14.38 11.35 -13.83
C ILE A 2 13.92 11.94 -15.17
N ASN A 3 13.09 11.20 -15.91
CA ASN A 3 12.56 11.66 -17.19
C ASN A 3 13.65 11.83 -18.21
N SER A 4 14.62 10.93 -18.18
CA SER A 4 15.74 10.93 -19.10
C SER A 4 15.32 10.99 -20.57
N MET A 5 14.22 10.35 -20.93
CA MET A 5 13.80 10.36 -22.32
C MET A 5 12.64 11.30 -22.69
N SER A 6 12.15 12.09 -21.74
CA SER A 6 11.03 13.00 -22.00
C SER A 6 9.85 12.33 -22.71
N LEU A 7 9.42 11.19 -22.19
CA LEU A 7 8.32 10.45 -22.77
C LEU A 7 6.93 11.00 -22.42
N GLY A 8 5.93 10.69 -23.25
CA GLY A 8 4.59 11.15 -22.99
C GLY A 8 4.06 12.12 -24.03
N ALA A 9 2.88 12.65 -23.76
CA ALA A 9 2.21 13.62 -24.63
C ALA A 9 2.10 14.94 -23.93
N SER A 10 2.57 16.01 -24.55
CA SER A 10 2.44 17.30 -23.90
C SER A 10 2.37 18.47 -24.88
N TYR A 11 1.66 19.50 -24.48
CA TYR A 11 1.51 20.70 -25.28
C TYR A 11 2.74 21.56 -25.11
N ASP A 12 3.05 22.38 -26.11
CA ASP A 12 4.15 23.31 -25.98
C ASP A 12 3.59 24.50 -25.16
N ALA A 13 4.45 25.42 -24.76
CA ALA A 13 4.04 26.56 -23.95
C ALA A 13 2.75 27.30 -24.35
N GLN A 14 2.63 27.62 -25.64
CA GLN A 14 1.46 28.35 -26.15
C GLN A 14 0.29 27.46 -26.60
N GLN A 15 0.40 26.16 -26.37
CA GLN A 15 -0.63 25.18 -26.75
C GLN A 15 -0.97 25.15 -28.23
N ALA A 16 0.07 25.37 -29.03
CA ALA A 16 -0.04 25.38 -30.47
C ALA A 16 0.27 24.01 -31.03
N ASN A 17 0.98 23.19 -30.25
CA ASN A 17 1.35 21.85 -30.68
C ASN A 17 1.43 20.89 -29.53
N ILE A 18 1.31 19.61 -29.86
CA ILE A 18 1.43 18.53 -28.89
C ILE A 18 2.51 17.63 -29.44
N THR A 19 3.42 17.19 -28.58
CA THR A 19 4.47 16.27 -29.00
C THR A 19 4.23 14.95 -28.33
N PHE A 20 4.22 13.90 -29.12
CA PHE A 20 4.00 12.57 -28.60
C PHE A 20 5.31 11.78 -28.68
N ARG A 21 5.82 11.33 -27.56
CA ARG A 21 7.05 10.52 -27.55
C ARG A 21 6.77 9.19 -26.85
N VAL A 22 7.21 8.08 -27.43
CA VAL A 22 6.97 6.78 -26.82
C VAL A 22 8.13 5.83 -27.12
N TYR A 23 8.44 4.94 -26.19
CA TYR A 23 9.53 4.00 -26.35
C TYR A 23 9.12 2.61 -26.82
N SER A 24 9.96 2.03 -27.64
CA SER A 24 9.81 0.66 -28.12
C SER A 24 11.11 0.32 -28.81
N SER A 25 11.81 -0.67 -28.28
CA SER A 25 13.10 -1.07 -28.84
C SER A 25 12.97 -2.08 -29.97
N GLN A 26 11.79 -2.68 -30.12
CA GLN A 26 11.56 -3.67 -31.16
C GLN A 26 10.54 -3.28 -32.23
N ALA A 27 9.70 -2.28 -31.96
CA ALA A 27 8.68 -1.86 -32.93
C ALA A 27 9.30 -1.53 -34.27
N THR A 28 8.54 -1.83 -35.30
CA THR A 28 8.92 -1.59 -36.68
C THR A 28 8.17 -0.37 -37.19
N ARG A 29 7.00 -0.13 -36.60
CA ARG A 29 6.16 0.97 -36.98
C ARG A 29 5.23 1.30 -35.83
N ILE A 30 5.06 2.59 -35.57
CA ILE A 30 4.18 3.06 -34.52
C ILE A 30 3.37 4.20 -35.09
N VAL A 31 2.05 4.13 -34.89
CA VAL A 31 1.15 5.14 -35.43
C VAL A 31 0.18 5.63 -34.35
N LEU A 32 0.09 6.94 -34.24
CA LEU A 32 -0.78 7.63 -33.28
C LEU A 32 -2.21 7.68 -33.79
N TYR A 33 -3.17 7.36 -32.93
CA TYR A 33 -4.58 7.42 -33.27
C TYR A 33 -5.19 8.46 -32.34
N LEU A 34 -5.94 9.43 -32.89
CA LEU A 34 -6.57 10.48 -32.11
C LEU A 34 -8.07 10.31 -32.12
N TYR A 35 -8.70 10.47 -30.97
CA TYR A 35 -10.15 10.30 -30.82
C TYR A 35 -10.76 11.49 -30.09
N SER A 36 -12.04 11.74 -30.37
CA SER A 36 -12.76 12.84 -29.74
C SER A 36 -13.39 12.36 -28.43
N ALA A 37 -13.57 11.05 -28.31
CA ALA A 37 -14.14 10.46 -27.11
C ALA A 37 -13.31 9.21 -26.74
N GLY A 38 -13.28 8.88 -25.45
CA GLY A 38 -12.50 7.73 -25.03
C GLY A 38 -13.09 6.38 -25.38
N TYR A 39 -14.40 6.35 -25.58
CA TYR A 39 -15.08 5.11 -25.89
C TYR A 39 -16.13 5.22 -26.99
N GLY A 40 -16.24 4.16 -27.78
CA GLY A 40 -17.25 4.06 -28.81
C GLY A 40 -17.03 4.73 -30.14
N VAL A 41 -15.99 5.54 -30.29
CA VAL A 41 -15.79 6.17 -31.57
C VAL A 41 -14.51 5.78 -32.25
N GLN A 42 -14.54 5.86 -33.58
CA GLN A 42 -13.36 5.56 -34.39
C GLN A 42 -12.48 6.80 -34.30
N GLU A 43 -11.20 6.66 -34.66
CA GLU A 43 -10.27 7.77 -34.61
C GLU A 43 -10.61 8.85 -35.64
N SER A 44 -10.29 10.10 -35.32
CA SER A 44 -10.50 11.23 -36.22
C SER A 44 -9.26 11.45 -37.09
N ALA A 45 -8.10 11.03 -36.62
CA ALA A 45 -6.85 11.18 -37.38
C ALA A 45 -5.80 10.17 -36.92
N THR A 46 -4.78 9.98 -37.74
CA THR A 46 -3.67 9.08 -37.46
C THR A 46 -2.41 9.76 -37.97
N TYR A 47 -1.31 9.57 -37.27
CA TYR A 47 -0.01 10.12 -37.62
C TYR A 47 1.05 9.05 -37.36
N THR A 48 1.88 8.81 -38.36
CA THR A 48 2.96 7.84 -38.26
C THR A 48 4.11 8.47 -37.48
N LEU A 49 4.61 7.77 -36.46
CA LEU A 49 5.70 8.32 -35.66
C LEU A 49 7.06 8.04 -36.30
N SER A 50 8.08 8.74 -35.85
CA SER A 50 9.42 8.57 -36.39
C SER A 50 10.47 8.34 -35.30
N PRO A 51 11.40 7.39 -35.55
CA PRO A 51 12.47 7.04 -34.62
C PRO A 51 13.25 8.29 -34.30
N ALA A 52 13.36 8.59 -33.01
CA ALA A 52 14.08 9.75 -32.56
C ALA A 52 15.35 9.29 -31.84
N GLY A 53 15.70 8.02 -32.05
CA GLY A 53 16.90 7.46 -31.44
C GLY A 53 16.73 6.94 -30.03
N SER A 54 17.56 5.94 -29.70
CA SER A 54 17.52 5.33 -28.37
C SER A 54 16.17 4.64 -28.09
N GLY A 55 15.50 4.19 -29.16
CA GLY A 55 14.22 3.53 -29.01
C GLY A 55 13.01 4.43 -28.82
N VAL A 56 13.20 5.75 -28.85
CA VAL A 56 12.06 6.64 -28.69
C VAL A 56 11.56 7.01 -30.06
N TRP A 57 10.24 7.06 -30.22
CA TRP A 57 9.57 7.41 -31.45
C TRP A 57 8.85 8.71 -31.15
N ALA A 58 8.84 9.64 -32.09
CA ALA A 58 8.19 10.92 -31.83
C ALA A 58 7.48 11.51 -33.03
N VAL A 59 6.53 12.40 -32.75
CA VAL A 59 5.79 13.13 -33.75
C VAL A 59 5.22 14.32 -33.05
N THR A 60 5.18 15.46 -33.73
CA THR A 60 4.63 16.66 -33.16
C THR A 60 3.43 17.08 -34.00
N VAL A 61 2.29 17.23 -33.36
CA VAL A 61 1.08 17.60 -34.05
C VAL A 61 0.57 18.99 -33.70
N PRO A 62 0.29 19.82 -34.72
CA PRO A 62 -0.21 21.18 -34.49
C PRO A 62 -1.64 21.04 -34.01
N VAL A 63 -2.03 21.84 -33.02
CA VAL A 63 -3.40 21.76 -32.50
C VAL A 63 -4.45 22.09 -33.60
N SER A 64 -4.11 23.00 -34.49
CA SER A 64 -5.00 23.38 -35.59
C SER A 64 -5.35 22.17 -36.46
N SER A 65 -4.38 21.27 -36.64
CA SER A 65 -4.60 20.06 -37.42
C SER A 65 -5.56 19.11 -36.68
N ILE A 66 -5.47 19.13 -35.35
CA ILE A 66 -6.33 18.30 -34.49
C ILE A 66 -7.76 18.85 -34.58
N LYS A 67 -7.92 20.16 -34.48
CA LYS A 67 -9.24 20.76 -34.56
C LYS A 67 -9.80 20.58 -35.94
N ALA A 68 -8.92 20.62 -36.93
CA ALA A 68 -9.35 20.42 -38.31
C ALA A 68 -9.84 18.98 -38.46
N ALA A 69 -9.29 18.04 -37.69
CA ALA A 69 -9.75 16.66 -37.79
C ALA A 69 -11.10 16.47 -37.07
N GLY A 70 -11.56 17.50 -36.36
CA GLY A 70 -12.84 17.43 -35.70
C GLY A 70 -12.78 17.36 -34.19
N ILE A 71 -11.56 17.35 -33.65
CA ILE A 71 -11.34 17.26 -32.21
C ILE A 71 -11.09 18.65 -31.64
N THR A 72 -12.15 19.24 -31.08
CA THR A 72 -12.04 20.57 -30.51
C THR A 72 -12.00 20.60 -28.97
N GLY A 73 -12.33 19.49 -28.33
CA GLY A 73 -12.27 19.42 -26.87
C GLY A 73 -10.98 18.73 -26.44
N ALA A 74 -11.05 17.88 -25.43
CA ALA A 74 -9.86 17.16 -24.94
C ALA A 74 -9.33 16.15 -25.98
N VAL A 75 -8.02 15.99 -26.03
CA VAL A 75 -7.43 15.07 -26.99
C VAL A 75 -7.20 13.69 -26.37
N TYR A 76 -7.94 12.69 -26.86
CA TYR A 76 -7.79 11.31 -26.42
C TYR A 76 -6.87 10.64 -27.45
N TYR A 77 -5.92 9.83 -26.98
CA TYR A 77 -4.98 9.18 -27.90
C TYR A 77 -4.52 7.74 -27.55
N GLY A 78 -3.94 7.06 -28.54
CA GLY A 78 -3.46 5.72 -28.34
C GLY A 78 -2.52 5.36 -29.48
N TYR A 79 -1.90 4.20 -29.40
CA TYR A 79 -0.96 3.78 -30.42
C TYR A 79 -1.30 2.42 -31.00
N ARG A 80 -0.74 2.18 -32.18
CA ARG A 80 -0.86 0.88 -32.84
C ARG A 80 0.59 0.63 -33.26
N ALA A 81 1.13 -0.51 -32.83
CA ALA A 81 2.51 -0.85 -33.12
C ALA A 81 2.70 -2.17 -33.85
N TRP A 82 3.72 -2.18 -34.72
CA TRP A 82 4.07 -3.37 -35.48
C TRP A 82 5.44 -3.79 -35.05
N GLY A 83 5.77 -5.06 -35.28
CA GLY A 83 7.08 -5.54 -34.88
C GLY A 83 7.39 -6.85 -35.58
N PRO A 84 8.52 -7.47 -35.24
CA PRO A 84 8.97 -8.73 -35.83
C PRO A 84 7.96 -9.86 -35.90
N ASN A 85 7.10 -9.98 -34.90
CA ASN A 85 6.13 -11.07 -34.93
C ASN A 85 4.88 -10.72 -35.76
N TRP A 86 4.78 -9.45 -36.15
CA TRP A 86 3.64 -9.00 -36.93
C TRP A 86 4.08 -7.70 -37.60
N PRO A 87 4.89 -7.82 -38.68
CA PRO A 87 5.37 -6.65 -39.41
C PRO A 87 4.22 -5.96 -40.10
N TYR A 88 4.50 -4.77 -40.61
CA TYR A 88 3.51 -4.00 -41.31
C TYR A 88 3.33 -4.50 -42.73
N ALA A 89 2.08 -4.83 -43.08
CA ALA A 89 1.74 -5.25 -44.42
C ALA A 89 0.87 -4.11 -44.96
N SER A 90 1.28 -3.55 -46.11
CA SER A 90 0.59 -2.43 -46.77
C SER A 90 -0.91 -2.62 -47.02
N ASN A 91 -1.38 -3.85 -46.93
CA ASN A 91 -2.80 -4.14 -47.13
C ASN A 91 -3.51 -4.34 -45.78
N TRP A 92 -2.80 -4.14 -44.68
CA TRP A 92 -3.41 -4.32 -43.37
C TRP A 92 -4.45 -3.22 -43.16
N GLY A 93 -5.50 -3.58 -42.42
CA GLY A 93 -6.55 -2.64 -42.09
C GLY A 93 -7.03 -3.05 -40.71
N LYS A 94 -7.69 -2.15 -39.98
CA LYS A 94 -8.19 -2.47 -38.63
C LYS A 94 -8.98 -3.77 -38.59
N GLY A 95 -8.52 -4.71 -37.78
CA GLY A 95 -9.20 -5.99 -37.66
C GLY A 95 -8.73 -7.00 -38.70
N SER A 96 -7.60 -6.73 -39.34
CA SER A 96 -7.05 -7.61 -40.36
C SER A 96 -5.92 -8.48 -39.82
N GLN A 97 -5.69 -9.62 -40.45
CA GLN A 97 -4.61 -10.48 -40.02
C GLN A 97 -3.37 -10.28 -40.89
N ALA A 98 -3.45 -9.37 -41.86
CA ALA A 98 -2.36 -9.07 -42.79
C ALA A 98 -1.01 -8.75 -42.12
N GLY A 99 0.00 -9.57 -42.39
CA GLY A 99 1.34 -9.38 -41.85
C GLY A 99 1.70 -10.28 -40.67
N PHE A 100 0.72 -10.94 -40.10
CA PHE A 100 0.91 -11.81 -38.96
C PHE A 100 1.94 -12.93 -39.18
N VAL A 101 2.80 -13.14 -38.20
CA VAL A 101 3.80 -14.20 -38.25
C VAL A 101 3.53 -15.09 -37.03
N SER A 102 3.49 -14.49 -35.84
CA SER A 102 3.20 -15.24 -34.63
C SER A 102 2.76 -14.29 -33.54
N ASP A 103 2.03 -14.83 -32.55
CA ASP A 103 1.54 -14.05 -31.41
C ASP A 103 2.71 -13.64 -30.56
N VAL A 104 3.73 -14.48 -30.53
CA VAL A 104 4.93 -14.20 -29.77
C VAL A 104 6.09 -14.84 -30.50
N ASP A 105 7.17 -14.09 -30.69
CA ASP A 105 8.36 -14.61 -31.38
C ASP A 105 9.45 -15.06 -30.41
N ALA A 106 10.55 -15.58 -30.95
CA ALA A 106 11.65 -16.10 -30.14
C ALA A 106 12.23 -15.11 -29.17
N ASN A 107 12.14 -13.82 -29.49
CA ASN A 107 12.68 -12.81 -28.58
C ASN A 107 11.64 -12.33 -27.56
N GLY A 108 10.39 -12.77 -27.68
CA GLY A 108 9.41 -12.33 -26.72
C GLY A 108 8.52 -11.17 -27.14
N ASP A 109 8.64 -10.72 -28.38
CA ASP A 109 7.80 -9.63 -28.85
C ASP A 109 6.37 -10.13 -28.98
N ARG A 110 5.41 -9.25 -28.70
CA ARG A 110 4.00 -9.62 -28.78
C ARG A 110 3.16 -8.57 -29.46
N PHE A 111 3.74 -7.93 -30.47
CA PHE A 111 3.04 -6.91 -31.24
C PHE A 111 1.76 -7.43 -31.90
N ASN A 112 0.73 -6.59 -31.88
CA ASN A 112 -0.56 -6.86 -32.53
C ASN A 112 -1.18 -5.49 -32.86
N PRO A 113 -1.09 -5.06 -34.14
CA PRO A 113 -1.62 -3.76 -34.59
C PRO A 113 -3.13 -3.57 -34.44
N ASN A 114 -3.87 -4.64 -34.22
CA ASN A 114 -5.31 -4.54 -34.04
C ASN A 114 -5.69 -4.08 -32.64
N LYS A 115 -4.71 -4.06 -31.73
CA LYS A 115 -4.95 -3.64 -30.36
C LYS A 115 -4.46 -2.21 -30.12
N LEU A 116 -5.41 -1.32 -29.82
CA LEU A 116 -5.06 0.07 -29.55
C LEU A 116 -4.34 0.07 -28.19
N LEU A 117 -3.20 0.74 -28.11
CA LEU A 117 -2.40 0.76 -26.90
C LEU A 117 -2.40 2.08 -26.11
N LEU A 118 -2.54 1.97 -24.79
CA LEU A 118 -2.51 3.13 -23.88
C LEU A 118 -1.05 3.44 -23.58
N ASP A 119 -0.68 4.69 -23.76
CA ASP A 119 0.67 5.16 -23.51
C ASP A 119 1.00 4.98 -22.03
N PRO A 120 2.13 4.32 -21.71
CA PRO A 120 2.48 4.14 -20.29
C PRO A 120 2.69 5.48 -19.59
N TYR A 121 2.94 6.54 -20.36
CA TYR A 121 3.14 7.88 -19.81
C TYR A 121 1.89 8.80 -19.83
N ALA A 122 0.74 8.25 -20.20
CA ALA A 122 -0.53 9.00 -20.18
C ALA A 122 -0.81 9.41 -18.74
N GLN A 123 -1.16 10.68 -18.54
CA GLN A 123 -1.44 11.22 -17.23
C GLN A 123 -2.89 11.10 -16.77
N GLU A 124 -3.74 10.58 -17.64
CA GLU A 124 -5.12 10.34 -17.30
C GLU A 124 -5.65 9.33 -18.29
N VAL A 125 -6.56 8.47 -17.82
CA VAL A 125 -7.14 7.39 -18.64
C VAL A 125 -8.63 7.64 -18.75
N SER A 126 -9.18 7.51 -19.95
CA SER A 126 -10.61 7.77 -20.18
C SER A 126 -11.56 6.80 -19.48
N GLN A 127 -11.32 5.50 -19.65
CA GLN A 127 -12.12 4.48 -18.99
C GLN A 127 -11.32 3.19 -18.96
N ASP A 128 -11.71 2.28 -18.07
CA ASP A 128 -11.02 1.01 -17.91
C ASP A 128 -11.44 0.05 -19.00
N PRO A 129 -10.64 -0.99 -19.23
CA PRO A 129 -10.97 -1.99 -20.25
C PRO A 129 -12.42 -2.48 -20.11
N LEU A 130 -12.81 -2.80 -18.88
CA LEU A 130 -14.16 -3.27 -18.56
C LEU A 130 -14.88 -2.09 -17.90
N ASN A 131 -16.05 -1.78 -18.41
CA ASN A 131 -16.80 -0.63 -17.94
C ASN A 131 -18.25 -0.98 -18.14
N PRO A 132 -19.17 -0.05 -17.85
CA PRO A 132 -20.59 -0.36 -18.04
C PRO A 132 -21.02 -0.58 -19.49
N SER A 133 -20.21 -0.19 -20.48
CA SER A 133 -20.61 -0.39 -21.86
C SER A 133 -20.09 -1.68 -22.45
N ASN A 134 -18.97 -2.17 -21.94
CA ASN A 134 -18.39 -3.40 -22.43
C ASN A 134 -17.75 -4.14 -21.29
N GLN A 135 -18.15 -5.38 -21.07
CA GLN A 135 -17.53 -6.16 -20.02
C GLN A 135 -16.90 -7.42 -20.61
N ASN A 136 -16.67 -7.37 -21.92
CA ASN A 136 -16.06 -8.47 -22.64
C ASN A 136 -14.57 -8.21 -22.78
N GLY A 137 -13.77 -8.88 -21.97
CA GLY A 137 -12.35 -8.67 -22.02
C GLY A 137 -11.65 -9.33 -23.19
N ASN A 138 -12.38 -10.11 -23.97
CA ASN A 138 -11.80 -10.82 -25.13
C ASN A 138 -11.31 -9.95 -26.27
N VAL A 139 -11.85 -8.74 -26.39
CA VAL A 139 -11.45 -7.85 -27.47
C VAL A 139 -9.99 -7.41 -27.33
N PHE A 140 -9.39 -7.61 -26.16
CA PHE A 140 -8.00 -7.23 -25.91
C PHE A 140 -7.03 -8.41 -25.97
N ALA A 141 -7.52 -9.60 -26.27
CA ALA A 141 -6.65 -10.76 -26.28
C ALA A 141 -6.00 -11.15 -27.61
N SER A 142 -4.85 -11.79 -27.50
CA SER A 142 -4.15 -12.29 -28.66
C SER A 142 -4.65 -13.74 -28.76
N GLY A 143 -3.99 -14.53 -29.60
CA GLY A 143 -4.41 -15.91 -29.74
C GLY A 143 -5.27 -16.08 -30.97
N ALA A 144 -5.39 -17.31 -31.44
CA ALA A 144 -6.17 -17.64 -32.65
C ALA A 144 -7.61 -17.18 -32.67
N SER A 145 -8.27 -17.21 -31.52
CA SER A 145 -9.66 -16.81 -31.44
C SER A 145 -9.92 -15.30 -31.44
N TYR A 146 -8.99 -14.51 -30.89
CA TYR A 146 -9.20 -13.06 -30.77
C TYR A 146 -8.17 -12.08 -31.34
N ARG A 147 -7.06 -12.57 -31.86
CA ARG A 147 -6.02 -11.67 -32.34
C ARG A 147 -6.40 -10.63 -33.39
N THR A 148 -7.42 -10.92 -34.21
CA THR A 148 -7.81 -9.96 -35.25
C THR A 148 -8.82 -8.92 -34.82
N THR A 149 -9.37 -9.11 -33.62
CA THR A 149 -10.32 -8.17 -33.07
C THR A 149 -9.67 -6.82 -32.85
N ASP A 150 -10.26 -5.78 -33.44
CA ASP A 150 -9.79 -4.40 -33.30
C ASP A 150 -10.38 -3.85 -31.99
N SER A 151 -9.51 -3.54 -31.04
CA SER A 151 -9.99 -3.02 -29.75
C SER A 151 -10.16 -1.52 -29.77
N GLY A 152 -9.82 -0.89 -30.89
CA GLY A 152 -9.91 0.55 -31.04
C GLY A 152 -10.96 1.33 -30.27
N ILE A 153 -12.25 1.05 -30.51
CA ILE A 153 -13.31 1.78 -29.81
C ILE A 153 -13.59 1.34 -28.38
N TYR A 154 -13.05 0.19 -27.98
CA TYR A 154 -13.28 -0.32 -26.62
C TYR A 154 -12.13 -0.06 -25.68
N ALA A 155 -10.95 0.13 -26.25
CA ALA A 155 -9.74 0.31 -25.48
C ALA A 155 -9.58 1.63 -24.75
N PRO A 156 -8.90 1.61 -23.60
CA PRO A 156 -8.70 2.84 -22.84
C PRO A 156 -7.81 3.83 -23.61
N LYS A 157 -8.16 5.11 -23.54
CA LYS A 157 -7.41 6.14 -24.24
C LYS A 157 -6.76 7.04 -23.21
N GLY A 158 -5.60 7.59 -23.54
CA GLY A 158 -4.93 8.52 -22.65
C GLY A 158 -5.51 9.88 -22.94
N VAL A 159 -5.36 10.84 -22.04
CA VAL A 159 -5.88 12.19 -22.28
C VAL A 159 -4.70 13.12 -22.18
N VAL A 160 -4.55 14.01 -23.16
CA VAL A 160 -3.44 14.94 -23.11
C VAL A 160 -3.91 16.03 -22.19
N LEU A 161 -3.15 16.24 -21.14
CA LEU A 161 -3.50 17.24 -20.13
C LEU A 161 -2.77 18.54 -20.26
N VAL A 162 -3.46 19.61 -19.93
CA VAL A 162 -2.89 20.93 -19.91
C VAL A 162 -2.42 21.00 -18.45
N PRO A 163 -1.20 21.48 -18.20
CA PRO A 163 -0.68 21.58 -16.83
C PRO A 163 -1.63 22.25 -15.83
N SER A 164 -1.86 21.57 -14.71
CA SER A 164 -2.75 22.03 -13.66
C SER A 164 -2.06 23.08 -12.81
N THR A 165 -2.83 24.09 -12.42
CA THR A 165 -2.31 25.16 -11.57
C THR A 165 -2.81 24.98 -10.14
N GLN A 166 -3.31 23.78 -9.82
CA GLN A 166 -3.80 23.48 -8.49
C GLN A 166 -2.62 23.28 -7.51
N SER A 167 -2.70 23.96 -6.37
CA SER A 167 -1.69 23.88 -5.34
C SER A 167 -1.93 22.61 -4.52
N THR A 168 -0.84 22.00 -4.06
CA THR A 168 -0.94 20.82 -3.23
C THR A 168 -0.55 21.17 -1.78
N GLY A 169 -0.48 22.47 -1.48
CA GLY A 169 -0.14 22.90 -0.13
C GLY A 169 1.31 22.69 0.25
N THR A 170 1.67 22.88 1.52
CA THR A 170 3.06 22.67 1.90
C THR A 170 3.24 21.33 2.58
N LYS A 171 4.28 20.63 2.16
CA LYS A 171 4.57 19.31 2.68
C LYS A 171 5.09 19.35 4.10
N PRO A 172 4.53 18.49 4.98
CA PRO A 172 4.98 18.45 6.37
C PRO A 172 6.45 17.99 6.38
N THR A 173 7.25 18.48 7.32
CA THR A 173 8.65 18.09 7.40
C THR A 173 8.92 17.27 8.65
N ARG A 174 7.83 16.83 9.28
CA ARG A 174 7.90 16.04 10.50
C ARG A 174 8.66 14.72 10.30
N ALA A 175 9.51 14.39 11.27
CA ALA A 175 10.29 13.15 11.23
C ALA A 175 9.32 12.01 11.27
N GLN A 176 9.63 10.96 10.53
CA GLN A 176 8.77 9.80 10.49
C GLN A 176 8.52 9.23 11.88
N LYS A 177 9.52 9.27 12.76
CA LYS A 177 9.36 8.72 14.09
C LYS A 177 8.19 9.30 14.87
N ASP A 178 7.72 10.48 14.45
CA ASP A 178 6.63 11.15 15.14
C ASP A 178 5.28 11.00 14.46
N ASP A 179 5.21 10.08 13.50
CA ASP A 179 3.99 9.86 12.76
C ASP A 179 3.19 8.68 13.27
N VAL A 180 1.89 8.69 12.99
CA VAL A 180 0.97 7.63 13.33
C VAL A 180 0.20 7.47 12.02
N ILE A 181 0.41 6.36 11.33
CA ILE A 181 -0.21 6.13 10.04
C ILE A 181 -1.58 5.46 10.09
N TYR A 182 -2.45 5.89 9.17
CA TYR A 182 -3.82 5.42 9.09
C TYR A 182 -4.08 4.94 7.67
N GLU A 183 -4.25 3.63 7.49
CA GLU A 183 -4.48 3.06 6.17
C GLU A 183 -5.95 3.04 5.84
N VAL A 184 -6.33 3.55 4.68
CA VAL A 184 -7.74 3.55 4.32
C VAL A 184 -7.92 3.56 2.79
N HIS A 185 -9.03 2.99 2.32
CA HIS A 185 -9.35 2.98 0.90
C HIS A 185 -10.04 4.33 0.62
N VAL A 186 -9.58 5.08 -0.38
CA VAL A 186 -10.16 6.40 -0.66
C VAL A 186 -11.68 6.40 -0.90
N ARG A 187 -12.20 5.33 -1.50
CA ARG A 187 -13.64 5.23 -1.74
C ARG A 187 -14.42 4.82 -0.45
N GLY A 188 -13.96 3.81 0.25
CA GLY A 188 -14.62 3.37 1.47
C GLY A 188 -14.56 4.38 2.61
N PHE A 189 -13.62 5.31 2.53
CA PHE A 189 -13.45 6.35 3.54
C PHE A 189 -14.73 7.21 3.75
N THR A 190 -15.39 7.61 2.66
CA THR A 190 -16.59 8.45 2.77
C THR A 190 -17.81 8.00 1.99
N GLU A 191 -17.73 6.88 1.30
CA GLU A 191 -18.84 6.38 0.48
C GLU A 191 -20.23 6.34 1.14
N GLN A 192 -20.31 6.01 2.42
CA GLN A 192 -21.61 6.00 3.09
C GLN A 192 -21.59 6.92 4.30
N ASP A 193 -20.75 7.95 4.22
CA ASP A 193 -20.59 8.93 5.28
C ASP A 193 -21.61 10.05 5.07
N THR A 194 -22.67 10.03 5.85
CA THR A 194 -23.72 11.03 5.71
C THR A 194 -23.35 12.46 6.09
N SER A 195 -22.14 12.66 6.57
CA SER A 195 -21.68 13.99 6.96
C SER A 195 -21.02 14.72 5.78
N ILE A 196 -20.97 14.03 4.64
CA ILE A 196 -20.38 14.59 3.44
C ILE A 196 -21.53 14.68 2.46
N PRO A 197 -21.55 15.74 1.65
CA PRO A 197 -22.61 15.88 0.66
C PRO A 197 -22.54 14.66 -0.25
N ALA A 198 -23.72 14.09 -0.52
CA ALA A 198 -23.83 12.89 -1.33
C ALA A 198 -22.99 12.84 -2.57
N GLN A 199 -22.88 13.95 -3.29
CA GLN A 199 -22.12 13.92 -4.54
C GLN A 199 -20.61 13.76 -4.36
N TYR A 200 -20.14 14.05 -3.16
CA TYR A 200 -18.72 13.96 -2.86
C TYR A 200 -18.33 12.65 -2.22
N ARG A 201 -19.31 11.88 -1.76
CA ARG A 201 -19.06 10.62 -1.10
C ARG A 201 -18.26 9.62 -1.94
N GLY A 202 -17.22 9.04 -1.33
CA GLY A 202 -16.37 8.08 -2.00
C GLY A 202 -15.41 8.65 -3.05
N THR A 203 -15.06 9.92 -2.93
CA THR A 203 -14.19 10.57 -3.91
C THR A 203 -13.00 11.24 -3.25
N TYR A 204 -12.08 11.75 -4.07
CA TYR A 204 -10.90 12.46 -3.56
C TYR A 204 -11.38 13.69 -2.85
N TYR A 205 -12.34 14.37 -3.46
CA TYR A 205 -12.90 15.55 -2.87
C TYR A 205 -13.46 15.22 -1.50
N GLY A 206 -14.25 14.17 -1.41
CA GLY A 206 -14.82 13.74 -0.16
C GLY A 206 -13.77 13.43 0.91
N ALA A 207 -12.68 12.76 0.55
CA ALA A 207 -11.62 12.44 1.51
C ALA A 207 -10.99 13.72 2.05
N GLY A 208 -10.81 14.72 1.20
CA GLY A 208 -10.23 15.96 1.67
C GLY A 208 -11.07 16.60 2.76
N LEU A 209 -12.38 16.43 2.65
CA LEU A 209 -13.35 16.95 3.61
C LEU A 209 -13.23 16.25 4.97
N LYS A 210 -12.65 15.05 5.00
CA LYS A 210 -12.51 14.33 6.26
C LYS A 210 -11.21 14.61 6.98
N ALA A 211 -10.39 15.53 6.46
CA ALA A 211 -9.12 15.87 7.06
C ALA A 211 -9.29 16.19 8.54
N SER A 212 -10.37 16.86 8.88
CA SER A 212 -10.64 17.21 10.27
C SER A 212 -10.92 15.98 11.13
N TYR A 213 -11.60 14.98 10.56
CA TYR A 213 -11.90 13.74 11.27
C TYR A 213 -10.58 13.12 11.72
N LEU A 214 -9.63 13.04 10.79
CA LEU A 214 -8.32 12.45 11.06
C LEU A 214 -7.54 13.27 12.08
N ALA A 215 -7.68 14.59 12.01
CA ALA A 215 -7.00 15.50 12.92
C ALA A 215 -7.50 15.35 14.36
N SER A 216 -8.79 15.07 14.53
CA SER A 216 -9.37 14.87 15.85
C SER A 216 -8.96 13.52 16.40
N LEU A 217 -8.86 12.53 15.52
CA LEU A 217 -8.46 11.20 15.94
C LEU A 217 -7.01 11.32 16.36
N GLY A 218 -6.26 12.18 15.69
CA GLY A 218 -4.87 12.38 16.05
C GLY A 218 -3.81 11.80 15.14
N VAL A 219 -4.24 11.08 14.11
CA VAL A 219 -3.28 10.48 13.17
C VAL A 219 -2.59 11.60 12.39
N THR A 220 -1.38 11.34 11.92
CA THR A 220 -0.61 12.34 11.20
C THR A 220 -0.31 12.02 9.72
N ALA A 221 -0.69 10.84 9.27
CA ALA A 221 -0.44 10.46 7.89
C ALA A 221 -1.49 9.48 7.46
N VAL A 222 -2.09 9.74 6.32
CA VAL A 222 -3.10 8.84 5.78
C VAL A 222 -2.44 8.08 4.64
N GLU A 223 -2.59 6.76 4.63
CA GLU A 223 -2.02 5.94 3.58
C GLU A 223 -3.16 5.38 2.76
N PHE A 224 -3.21 5.71 1.48
CA PHE A 224 -4.30 5.21 0.67
C PHE A 224 -3.94 3.93 -0.04
N LEU A 225 -4.93 3.04 -0.20
CA LEU A 225 -4.72 1.82 -0.95
C LEU A 225 -4.53 2.41 -2.37
N PRO A 226 -4.07 1.63 -3.35
CA PRO A 226 -3.85 2.13 -4.71
C PRO A 226 -4.80 3.16 -5.34
N VAL A 227 -4.26 4.30 -5.77
CA VAL A 227 -5.05 5.35 -6.43
C VAL A 227 -4.66 5.46 -7.92
N GLN A 228 -3.58 4.79 -8.31
CA GLN A 228 -3.21 4.81 -9.72
C GLN A 228 -4.28 3.95 -10.39
N GLU A 229 -4.81 4.42 -11.51
CA GLU A 229 -5.85 3.71 -12.27
C GLU A 229 -5.89 2.21 -12.13
N THR A 230 -7.02 1.69 -11.67
CA THR A 230 -7.21 0.25 -11.56
C THR A 230 -8.51 -0.13 -12.26
N GLN A 231 -8.68 -1.41 -12.53
CA GLN A 231 -9.87 -1.95 -13.17
C GLN A 231 -11.00 -1.93 -12.15
N ASN A 232 -11.90 -0.95 -12.26
CA ASN A 232 -13.03 -0.83 -11.34
C ASN A 232 -14.32 -0.23 -11.92
N ASP A 233 -14.29 0.26 -13.15
CA ASP A 233 -15.49 0.85 -13.77
C ASP A 233 -16.68 -0.10 -13.97
N ALA A 234 -16.45 -1.41 -13.98
CA ALA A 234 -17.53 -2.36 -14.18
C ALA A 234 -17.99 -2.97 -12.85
N ASN A 235 -17.54 -2.39 -11.74
CA ASN A 235 -17.87 -2.92 -10.42
C ASN A 235 -19.33 -3.00 -10.07
N ASP A 236 -20.10 -2.03 -10.54
CA ASP A 236 -21.53 -1.96 -10.24
C ASP A 236 -22.53 -2.45 -11.32
N VAL A 237 -22.00 -3.03 -12.40
CA VAL A 237 -22.82 -3.54 -13.49
C VAL A 237 -23.84 -4.57 -13.01
N VAL A 238 -23.37 -5.58 -12.28
CA VAL A 238 -24.26 -6.60 -11.71
C VAL A 238 -24.43 -6.22 -10.26
N PRO A 239 -25.66 -5.91 -9.86
CA PRO A 239 -25.99 -5.53 -8.49
C PRO A 239 -25.95 -6.69 -7.50
N ASN A 240 -25.67 -6.35 -6.24
CA ASN A 240 -25.61 -7.32 -5.15
C ASN A 240 -24.71 -8.50 -5.45
N SER A 241 -23.53 -8.23 -6.01
CA SER A 241 -22.61 -9.30 -6.33
C SER A 241 -21.19 -8.79 -6.42
N ASP A 242 -20.28 -9.45 -5.72
CA ASP A 242 -18.87 -9.07 -5.75
C ASP A 242 -18.13 -9.80 -6.86
N ALA A 243 -18.87 -10.62 -7.61
CA ALA A 243 -18.34 -11.44 -8.68
C ALA A 243 -17.32 -10.81 -9.62
N ASN A 244 -17.65 -9.65 -10.18
CA ASN A 244 -16.73 -8.99 -11.11
C ASN A 244 -16.10 -7.73 -10.52
N GLN A 245 -16.03 -7.66 -9.20
CA GLN A 245 -15.47 -6.48 -8.55
C GLN A 245 -14.02 -6.56 -8.13
N ASN A 246 -13.37 -5.42 -8.18
CA ASN A 246 -11.99 -5.25 -7.77
C ASN A 246 -12.08 -4.00 -6.90
N TYR A 247 -11.99 -4.20 -5.59
CA TYR A 247 -12.09 -3.10 -4.66
C TYR A 247 -10.72 -2.50 -4.30
N TRP A 248 -9.85 -3.30 -3.68
CA TRP A 248 -8.50 -2.85 -3.28
C TRP A 248 -7.72 -2.12 -4.37
N GLY A 249 -7.70 -2.65 -5.59
CA GLY A 249 -7.01 -1.98 -6.67
C GLY A 249 -5.55 -2.35 -6.92
N TYR A 250 -5.16 -3.59 -6.62
CA TYR A 250 -3.78 -3.98 -6.85
C TYR A 250 -3.58 -4.56 -8.25
N MET A 251 -4.11 -3.83 -9.24
CA MET A 251 -4.00 -4.18 -10.66
C MET A 251 -3.92 -2.82 -11.30
N THR A 252 -2.71 -2.30 -11.47
CA THR A 252 -2.52 -0.99 -12.05
C THR A 252 -2.52 -1.03 -13.58
N GLU A 253 -3.32 -0.15 -14.18
CA GLU A 253 -3.45 -0.04 -15.62
C GLU A 253 -2.52 1.00 -16.19
N ASN A 254 -2.16 1.98 -15.36
CA ASN A 254 -1.31 3.10 -15.76
C ASN A 254 -0.71 3.73 -14.51
N TYR A 255 0.60 3.95 -14.53
CA TYR A 255 1.29 4.51 -13.37
C TYR A 255 1.30 6.01 -13.11
N PHE A 256 0.74 6.80 -14.03
CA PHE A 256 0.72 8.26 -13.83
C PHE A 256 -0.68 8.80 -13.63
N SER A 257 -1.69 7.93 -13.74
CA SER A 257 -3.08 8.39 -13.67
C SER A 257 -3.88 8.10 -12.42
N PRO A 258 -4.55 9.14 -11.87
CA PRO A 258 -5.37 8.97 -10.68
C PRO A 258 -6.59 8.25 -11.20
N ASP A 259 -7.12 7.32 -10.43
CA ASP A 259 -8.29 6.58 -10.86
C ASP A 259 -9.49 7.50 -11.01
N ARG A 260 -10.11 7.44 -12.17
CA ARG A 260 -11.25 8.28 -12.50
C ARG A 260 -12.50 7.96 -11.67
N ARG A 261 -12.70 6.70 -11.33
CA ARG A 261 -13.87 6.30 -10.55
C ARG A 261 -13.89 6.88 -9.15
N TYR A 262 -12.73 7.26 -8.64
CA TYR A 262 -12.62 7.80 -7.30
C TYR A 262 -12.70 9.32 -7.28
N ALA A 263 -12.84 9.94 -8.45
CA ALA A 263 -12.92 11.40 -8.53
C ALA A 263 -14.38 11.83 -8.59
N TYR A 264 -14.63 13.04 -8.14
CA TYR A 264 -15.97 13.59 -8.19
C TYR A 264 -16.10 14.22 -9.61
N ASN A 265 -15.07 14.93 -10.02
CA ASN A 265 -15.01 15.58 -11.31
C ASN A 265 -14.36 14.58 -12.27
N LYS A 266 -15.18 13.94 -13.10
CA LYS A 266 -14.69 12.94 -14.02
C LYS A 266 -14.33 13.43 -15.41
N ALA A 267 -14.28 14.74 -15.58
CA ALA A 267 -13.92 15.30 -16.88
C ALA A 267 -12.40 15.20 -17.10
N ALA A 268 -11.97 15.40 -18.33
CA ALA A 268 -10.56 15.35 -18.64
C ALA A 268 -9.87 16.39 -17.77
N GLY A 269 -8.88 15.95 -16.98
CA GLY A 269 -8.15 16.83 -16.09
C GLY A 269 -8.79 16.95 -14.71
N GLY A 270 -10.00 16.41 -14.55
CA GLY A 270 -10.70 16.46 -13.28
C GLY A 270 -10.08 15.65 -12.16
N PRO A 271 -9.83 14.34 -12.38
CA PRO A 271 -9.23 13.53 -11.32
C PRO A 271 -7.93 14.13 -10.83
N THR A 272 -7.12 14.63 -11.76
CA THR A 272 -5.83 15.24 -11.45
C THR A 272 -5.91 16.45 -10.52
N ALA A 273 -6.64 17.48 -10.94
CA ALA A 273 -6.77 18.70 -10.13
C ALA A 273 -7.44 18.39 -8.79
N GLU A 274 -8.33 17.41 -8.80
CA GLU A 274 -9.04 17.00 -7.59
C GLU A 274 -8.11 16.27 -6.62
N PHE A 275 -7.24 15.41 -7.12
CA PHE A 275 -6.30 14.72 -6.25
C PHE A 275 -5.35 15.80 -5.67
N GLN A 276 -4.91 16.76 -6.48
CA GLN A 276 -4.03 17.82 -5.94
C GLN A 276 -4.70 18.65 -4.87
N ALA A 277 -5.98 18.94 -5.08
CA ALA A 277 -6.76 19.72 -4.13
C ALA A 277 -6.94 18.94 -2.83
N MET A 278 -7.09 17.62 -2.96
CA MET A 278 -7.25 16.75 -1.83
C MET A 278 -5.99 16.73 -0.96
N VAL A 279 -4.80 16.62 -1.55
CA VAL A 279 -3.61 16.59 -0.72
C VAL A 279 -3.38 17.97 -0.11
N GLN A 280 -3.87 19.01 -0.78
CA GLN A 280 -3.74 20.35 -0.23
C GLN A 280 -4.52 20.40 1.09
N ALA A 281 -5.75 19.85 1.09
CA ALA A 281 -6.58 19.83 2.29
C ALA A 281 -5.91 19.05 3.41
N PHE A 282 -5.21 17.98 3.06
CA PHE A 282 -4.53 17.20 4.08
C PHE A 282 -3.29 17.93 4.57
N HIS A 283 -2.51 18.46 3.63
CA HIS A 283 -1.30 19.18 3.94
C HIS A 283 -1.65 20.36 4.79
N ASN A 284 -2.82 20.93 4.54
CA ASN A 284 -3.27 22.07 5.32
C ASN A 284 -3.56 21.64 6.76
N ALA A 285 -4.01 20.40 6.93
CA ALA A 285 -4.31 19.90 8.26
C ALA A 285 -3.02 19.41 8.94
N GLY A 286 -1.90 19.49 8.21
CA GLY A 286 -0.61 19.04 8.73
C GLY A 286 -0.41 17.54 8.61
N ILE A 287 -1.23 16.92 7.77
CA ILE A 287 -1.21 15.47 7.54
C ILE A 287 -0.48 15.06 6.26
N LYS A 288 0.36 14.04 6.37
CA LYS A 288 1.09 13.50 5.22
C LYS A 288 0.16 12.57 4.44
N VAL A 289 0.43 12.44 3.15
CA VAL A 289 -0.35 11.58 2.27
C VAL A 289 0.62 10.55 1.69
N TYR A 290 0.40 9.29 2.03
CA TYR A 290 1.23 8.23 1.50
C TYR A 290 0.38 7.47 0.49
N MET A 291 1.06 6.91 -0.49
CA MET A 291 0.42 6.12 -1.53
C MET A 291 0.96 4.71 -1.52
N ASP A 292 0.05 3.77 -1.63
CA ASP A 292 0.39 2.37 -1.72
C ASP A 292 0.59 2.17 -3.25
N VAL A 293 1.80 1.85 -3.68
CA VAL A 293 2.08 1.67 -5.11
C VAL A 293 2.45 0.22 -5.47
N VAL A 294 2.06 -0.24 -6.64
CA VAL A 294 2.36 -1.62 -7.02
C VAL A 294 3.08 -1.78 -8.37
N TYR A 295 4.40 -1.74 -8.30
CA TYR A 295 5.24 -1.88 -9.47
C TYR A 295 5.81 -3.28 -9.65
N ASN A 296 5.30 -4.27 -8.91
CA ASN A 296 5.78 -5.65 -9.02
C ASN A 296 5.09 -6.44 -10.14
N HIS A 297 3.91 -6.00 -10.54
CA HIS A 297 3.17 -6.63 -11.63
C HIS A 297 2.30 -5.55 -12.26
N THR A 298 1.61 -5.90 -13.33
CA THR A 298 0.77 -4.98 -14.08
C THR A 298 -0.63 -5.56 -14.25
N ALA A 299 -1.62 -4.72 -14.56
CA ALA A 299 -2.98 -5.22 -14.76
C ALA A 299 -3.10 -6.12 -16.01
N GLU A 300 -2.14 -6.01 -16.92
CA GLU A 300 -2.15 -6.86 -18.10
C GLU A 300 -1.86 -8.32 -17.77
N GLY A 301 -1.29 -8.57 -16.58
CA GLY A 301 -0.97 -9.93 -16.15
C GLY A 301 0.02 -10.67 -17.02
N GLY A 302 -0.17 -11.99 -17.16
CA GLY A 302 0.71 -12.81 -17.97
C GLY A 302 -0.05 -13.54 -19.06
N THR A 303 0.24 -14.82 -19.32
CA THR A 303 -0.51 -15.54 -20.33
C THR A 303 -1.79 -16.00 -19.63
N TRP A 304 -2.89 -16.11 -20.36
CA TRP A 304 -4.13 -16.54 -19.73
C TRP A 304 -3.96 -17.92 -19.07
N THR A 305 -3.22 -18.82 -19.71
CA THR A 305 -2.97 -20.15 -19.15
C THR A 305 -1.48 -20.40 -19.20
N SER A 306 -1.00 -21.37 -18.44
CA SER A 306 0.42 -21.69 -18.40
C SER A 306 0.84 -22.72 -19.44
N SER A 307 -0.11 -23.13 -20.27
CA SER A 307 0.14 -24.12 -21.29
C SER A 307 0.01 -23.55 -22.71
N ASP A 308 -0.55 -22.36 -22.81
CA ASP A 308 -0.70 -21.74 -24.11
C ASP A 308 0.04 -20.43 -24.07
N PRO A 309 1.09 -20.32 -24.89
CA PRO A 309 1.86 -19.07 -24.90
C PRO A 309 1.28 -17.99 -25.80
N THR A 310 0.22 -18.32 -26.53
CA THR A 310 -0.36 -17.37 -27.46
C THR A 310 -1.38 -16.39 -26.94
N THR A 311 -2.15 -16.78 -25.94
CA THR A 311 -3.18 -15.89 -25.41
C THR A 311 -2.77 -15.07 -24.21
N ALA A 312 -2.78 -13.75 -24.40
CA ALA A 312 -2.47 -12.79 -23.34
C ALA A 312 -3.22 -11.48 -23.63
N THR A 313 -3.48 -10.70 -22.57
CA THR A 313 -4.16 -9.40 -22.68
C THR A 313 -3.17 -8.36 -23.20
N ILE A 314 -3.62 -7.53 -24.13
CA ILE A 314 -2.78 -6.49 -24.72
C ILE A 314 -3.51 -5.14 -24.84
N TYR A 315 -3.07 -4.16 -24.07
CA TYR A 315 -3.64 -2.82 -24.14
C TYR A 315 -2.66 -1.74 -23.75
N SER A 316 -1.44 -2.08 -23.36
CA SER A 316 -0.48 -1.05 -23.01
C SER A 316 0.92 -1.60 -23.16
N TRP A 317 1.66 -1.69 -22.06
CA TRP A 317 3.05 -2.18 -22.07
C TRP A 317 3.40 -3.33 -23.04
N ARG A 318 2.59 -4.38 -23.03
CA ARG A 318 2.78 -5.58 -23.84
C ARG A 318 2.80 -5.33 -25.35
N GLY A 319 1.93 -4.44 -25.81
CA GLY A 319 1.83 -4.14 -27.21
C GLY A 319 2.96 -3.29 -27.73
N LEU A 320 3.59 -2.53 -26.82
CA LEU A 320 4.70 -1.65 -27.16
C LEU A 320 6.08 -2.28 -27.10
N ASP A 321 6.32 -3.09 -26.08
CA ASP A 321 7.61 -3.72 -25.94
C ASP A 321 7.53 -4.68 -24.78
N ASN A 322 6.90 -5.83 -25.05
CA ASN A 322 6.71 -6.88 -24.08
C ASN A 322 8.01 -7.35 -23.41
N ALA A 323 9.08 -7.49 -24.20
CA ALA A 323 10.35 -7.97 -23.66
C ALA A 323 11.06 -6.98 -22.73
N THR A 324 10.73 -5.70 -22.84
CA THR A 324 11.32 -4.67 -21.98
C THR A 324 10.58 -4.54 -20.64
N TYR A 325 9.26 -4.58 -20.71
CA TYR A 325 8.44 -4.41 -19.54
C TYR A 325 8.18 -5.59 -18.63
N TYR A 326 8.17 -6.81 -19.15
CA TYR A 326 7.89 -7.98 -18.34
C TYR A 326 9.08 -8.93 -18.23
N GLU A 327 9.16 -9.70 -17.15
CA GLU A 327 10.26 -10.64 -17.04
C GLU A 327 9.78 -11.92 -17.68
N LEU A 328 10.42 -12.32 -18.77
CA LEU A 328 10.01 -13.52 -19.49
C LEU A 328 10.75 -14.77 -18.98
N THR A 329 10.21 -15.96 -19.26
CA THR A 329 10.86 -17.19 -18.83
C THR A 329 11.95 -17.49 -19.82
N SER A 330 12.78 -18.48 -19.50
CA SER A 330 13.83 -18.90 -20.40
C SER A 330 13.13 -19.26 -21.72
N GLY A 331 13.63 -18.74 -22.84
CA GLY A 331 12.99 -19.00 -24.12
C GLY A 331 12.02 -17.90 -24.54
N ASN A 332 11.65 -17.02 -23.60
CA ASN A 332 10.75 -15.85 -23.84
C ASN A 332 9.31 -16.08 -24.27
N GLN A 333 8.81 -17.29 -24.13
CA GLN A 333 7.46 -17.58 -24.54
C GLN A 333 6.45 -17.37 -23.44
N TYR A 334 6.88 -17.47 -22.18
CA TYR A 334 5.98 -17.27 -21.05
C TYR A 334 6.53 -16.17 -20.15
N PHE A 335 5.91 -15.99 -18.99
CA PHE A 335 6.34 -14.97 -18.04
C PHE A 335 6.87 -15.55 -16.74
N TYR A 336 7.90 -14.91 -16.19
CA TYR A 336 8.45 -15.33 -14.92
C TYR A 336 7.65 -14.56 -13.88
N ASP A 337 7.23 -15.22 -12.81
CA ASP A 337 6.41 -14.53 -11.80
C ASP A 337 6.69 -14.89 -10.34
N ASN A 338 6.76 -13.86 -9.50
CA ASN A 338 6.98 -14.00 -8.05
C ASN A 338 5.90 -13.19 -7.35
N THR A 339 4.82 -12.90 -8.03
CA THR A 339 3.74 -12.09 -7.49
C THR A 339 2.46 -12.89 -7.40
N GLY A 340 2.38 -13.97 -8.17
CA GLY A 340 1.17 -14.78 -8.18
C GLY A 340 0.09 -14.20 -9.11
N ILE A 341 0.33 -13.04 -9.70
CA ILE A 341 -0.66 -12.43 -10.60
C ILE A 341 -0.47 -12.89 -12.05
N GLY A 342 0.73 -13.36 -12.38
CA GLY A 342 0.95 -13.80 -13.73
C GLY A 342 2.28 -13.43 -14.33
N ALA A 343 2.79 -12.24 -14.02
CA ALA A 343 4.07 -11.82 -14.57
C ALA A 343 4.70 -10.72 -13.76
N ASN A 344 6.02 -10.81 -13.60
CA ASN A 344 6.81 -9.80 -12.89
C ASN A 344 7.04 -8.65 -13.87
N PHE A 345 6.92 -7.42 -13.39
CA PHE A 345 7.21 -6.24 -14.19
C PHE A 345 8.75 -6.35 -14.16
N ASN A 346 9.42 -6.07 -15.28
CA ASN A 346 10.87 -6.22 -15.35
C ASN A 346 11.59 -5.07 -14.63
N THR A 347 11.56 -5.08 -13.31
CA THR A 347 12.17 -4.00 -12.52
C THR A 347 13.67 -3.79 -12.69
N TYR A 348 14.38 -4.77 -13.30
CA TYR A 348 15.83 -4.64 -13.47
C TYR A 348 16.21 -4.04 -14.81
N ASN A 349 15.26 -4.03 -15.74
CA ASN A 349 15.48 -3.46 -17.05
C ASN A 349 15.51 -1.94 -16.86
N THR A 350 16.50 -1.27 -17.46
CA THR A 350 16.64 0.18 -17.32
C THR A 350 15.42 1.01 -17.71
N VAL A 351 14.87 0.78 -18.89
CA VAL A 351 13.71 1.55 -19.36
C VAL A 351 12.46 1.32 -18.53
N ALA A 352 12.27 0.07 -18.07
CA ALA A 352 11.11 -0.30 -17.24
C ALA A 352 11.31 0.39 -15.89
N GLN A 353 12.54 0.36 -15.41
CA GLN A 353 12.93 0.97 -14.15
C GLN A 353 12.78 2.50 -14.21
N ASN A 354 13.08 3.09 -15.36
CA ASN A 354 12.95 4.53 -15.53
C ASN A 354 11.48 4.92 -15.35
N LEU A 355 10.55 4.04 -15.77
CA LEU A 355 9.12 4.29 -15.65
C LEU A 355 8.73 4.35 -14.16
N ILE A 356 9.27 3.44 -13.35
CA ILE A 356 9.00 3.41 -11.92
C ILE A 356 9.45 4.74 -11.32
N VAL A 357 10.70 5.14 -11.60
CA VAL A 357 11.29 6.41 -11.11
C VAL A 357 10.47 7.63 -11.58
N ASP A 358 10.22 7.71 -12.88
CA ASP A 358 9.48 8.79 -13.48
C ASP A 358 8.06 8.95 -12.92
N SER A 359 7.35 7.85 -12.72
CA SER A 359 5.99 7.95 -12.17
C SER A 359 6.04 8.34 -10.70
N LEU A 360 7.03 7.85 -9.97
CA LEU A 360 7.17 8.21 -8.56
C LEU A 360 7.45 9.73 -8.46
N ALA A 361 8.32 10.22 -9.33
CA ALA A 361 8.64 11.64 -9.37
C ALA A 361 7.39 12.45 -9.64
N TYR A 362 6.57 11.99 -10.57
CA TYR A 362 5.32 12.68 -10.91
C TYR A 362 4.40 12.82 -9.70
N TRP A 363 4.19 11.72 -8.99
CA TRP A 363 3.32 11.74 -7.81
C TRP A 363 3.84 12.55 -6.63
N ALA A 364 5.14 12.51 -6.44
CA ALA A 364 5.78 13.20 -5.35
C ALA A 364 5.88 14.70 -5.63
N ASN A 365 6.21 15.03 -6.86
CA ASN A 365 6.37 16.42 -7.21
C ASN A 365 5.12 17.13 -7.68
N THR A 366 4.49 16.63 -8.73
CA THR A 366 3.30 17.29 -9.24
C THR A 366 2.08 17.06 -8.37
N MET A 367 1.91 15.83 -7.89
CA MET A 367 0.76 15.46 -7.07
C MET A 367 0.89 15.71 -5.58
N GLY A 368 2.07 16.15 -5.14
CA GLY A 368 2.32 16.45 -3.73
C GLY A 368 2.39 15.34 -2.68
N VAL A 369 2.45 14.08 -3.12
CA VAL A 369 2.51 12.95 -2.21
C VAL A 369 3.79 12.94 -1.36
N ASP A 370 3.67 12.58 -0.09
CA ASP A 370 4.80 12.58 0.84
C ASP A 370 5.63 11.31 0.98
N GLY A 371 5.11 10.19 0.52
CA GLY A 371 5.84 8.95 0.65
C GLY A 371 5.12 7.83 -0.05
N PHE A 372 5.73 6.64 -0.05
CA PHE A 372 5.14 5.51 -0.74
C PHE A 372 5.38 4.23 0.00
N ARG A 373 4.38 3.36 -0.03
CA ARG A 373 4.48 2.05 0.57
C ARG A 373 4.45 1.13 -0.66
N PHE A 374 5.50 0.35 -0.84
CA PHE A 374 5.62 -0.53 -1.99
C PHE A 374 5.08 -1.93 -1.78
N ASP A 375 4.04 -2.29 -2.54
CA ASP A 375 3.45 -3.63 -2.49
C ASP A 375 4.47 -4.65 -3.02
N LEU A 376 4.57 -5.81 -2.34
CA LEU A 376 5.51 -6.89 -2.66
C LEU A 376 6.83 -6.30 -3.12
N ALA A 377 7.41 -5.47 -2.26
CA ALA A 377 8.64 -4.77 -2.57
C ALA A 377 9.82 -5.61 -2.96
N SER A 378 9.88 -6.87 -2.53
CA SER A 378 11.02 -7.72 -2.88
C SER A 378 11.23 -7.89 -4.38
N VAL A 379 10.17 -7.70 -5.18
CA VAL A 379 10.32 -7.85 -6.63
C VAL A 379 11.17 -6.69 -7.19
N LEU A 380 11.20 -5.57 -6.46
CA LEU A 380 11.99 -4.37 -6.85
C LEU A 380 13.47 -4.56 -6.48
N GLY A 381 13.79 -5.69 -5.87
CA GLY A 381 15.16 -5.98 -5.50
C GLY A 381 15.71 -7.13 -6.31
N ASN A 382 14.96 -7.55 -7.33
CA ASN A 382 15.35 -8.64 -8.20
C ASN A 382 16.53 -8.25 -9.13
N SER A 383 17.59 -9.06 -9.17
CA SER A 383 18.76 -8.76 -10.00
C SER A 383 18.76 -9.54 -11.28
N CYS A 384 17.66 -10.22 -11.56
CA CYS A 384 17.53 -11.01 -12.77
C CYS A 384 16.75 -10.24 -13.82
N LEU A 385 17.00 -10.60 -15.07
CA LEU A 385 16.32 -9.98 -16.19
C LEU A 385 15.50 -10.98 -16.94
N ASN A 386 15.73 -12.27 -16.68
CA ASN A 386 15.04 -13.29 -17.44
C ASN A 386 15.05 -14.60 -16.67
N GLY A 387 14.23 -15.54 -17.09
CA GLY A 387 14.20 -16.86 -16.46
C GLY A 387 15.53 -17.54 -16.64
N ALA A 388 16.25 -17.18 -17.70
CA ALA A 388 17.56 -17.75 -17.95
C ALA A 388 18.64 -16.71 -17.60
N TYR A 389 19.84 -17.20 -17.32
CA TYR A 389 20.96 -16.35 -16.97
C TYR A 389 21.38 -15.48 -18.15
N THR A 390 21.81 -14.28 -17.85
CA THR A 390 22.29 -13.40 -18.89
C THR A 390 23.35 -12.55 -18.22
N ALA A 391 24.42 -12.32 -18.95
CA ALA A 391 25.56 -11.56 -18.45
C ALA A 391 25.19 -10.14 -18.11
N SER A 392 24.11 -9.64 -18.71
CA SER A 392 23.63 -8.30 -18.42
C SER A 392 23.11 -8.25 -16.98
N ALA A 393 22.84 -9.41 -16.39
CA ALA A 393 22.35 -9.54 -15.02
C ALA A 393 23.34 -10.51 -14.37
N PRO A 394 24.59 -10.04 -14.19
CA PRO A 394 25.72 -10.77 -13.62
C PRO A 394 25.45 -11.38 -12.27
N ASN A 395 24.74 -10.62 -11.44
CA ASN A 395 24.44 -11.01 -10.07
C ASN A 395 23.31 -12.02 -9.93
N CYS A 396 22.77 -12.49 -11.05
CA CYS A 396 21.68 -13.45 -11.04
C CYS A 396 22.15 -14.61 -11.89
N PRO A 397 23.07 -15.41 -11.35
CA PRO A 397 23.65 -16.57 -12.01
C PRO A 397 22.70 -17.69 -12.40
N ASN A 398 21.64 -17.89 -11.62
CA ASN A 398 20.70 -18.98 -11.91
C ASN A 398 19.50 -18.56 -12.74
N GLY A 399 19.40 -17.25 -13.00
CA GLY A 399 18.26 -16.72 -13.72
C GLY A 399 17.01 -16.78 -12.84
N GLY A 400 15.93 -16.15 -13.31
CA GLY A 400 14.68 -16.17 -12.57
C GLY A 400 14.54 -15.02 -11.59
N TYR A 401 14.60 -15.36 -10.31
CA TYR A 401 14.48 -14.38 -9.26
C TYR A 401 15.65 -14.49 -8.30
N ASN A 402 16.21 -13.35 -7.93
CA ASN A 402 17.28 -13.34 -6.97
C ASN A 402 17.34 -11.95 -6.37
N PHE A 403 16.89 -11.83 -5.13
CA PHE A 403 16.92 -10.57 -4.42
C PHE A 403 18.39 -10.26 -4.10
N ASP A 404 18.83 -9.05 -4.41
CA ASP A 404 20.19 -8.66 -4.11
C ASP A 404 20.23 -7.17 -3.81
N ALA A 405 20.14 -6.81 -2.53
CA ALA A 405 20.16 -5.42 -2.07
C ALA A 405 21.54 -4.76 -2.18
N ALA A 406 22.55 -5.55 -2.55
CA ALA A 406 23.89 -5.02 -2.69
C ALA A 406 24.12 -4.56 -4.13
N ASP A 407 23.30 -5.05 -5.06
CA ASP A 407 23.44 -4.67 -6.47
C ASP A 407 22.89 -3.27 -6.60
N SER A 408 23.73 -2.32 -7.00
CA SER A 408 23.25 -0.95 -7.11
C SER A 408 22.25 -0.71 -8.24
N ASN A 409 22.06 -1.69 -9.11
CA ASN A 409 21.14 -1.52 -10.21
C ASN A 409 19.76 -2.08 -10.02
N VAL A 410 19.47 -2.62 -8.83
CA VAL A 410 18.13 -3.12 -8.59
C VAL A 410 17.26 -1.88 -8.29
N ALA A 411 15.98 -1.98 -8.60
CA ALA A 411 15.05 -0.87 -8.43
C ALA A 411 15.05 -0.20 -7.07
N ILE A 412 15.15 -0.98 -6.00
CA ILE A 412 15.16 -0.38 -4.66
C ILE A 412 16.38 0.52 -4.40
N ASN A 413 17.48 0.30 -5.11
CA ASN A 413 18.67 1.13 -4.92
C ASN A 413 18.62 2.32 -5.87
N ARG A 414 18.02 2.11 -7.02
CA ARG A 414 17.84 3.16 -8.01
C ARG A 414 17.01 4.26 -7.36
N ILE A 415 15.90 3.86 -6.73
CA ILE A 415 15.01 4.82 -6.08
C ILE A 415 15.77 5.69 -5.06
N LEU A 416 16.64 5.06 -4.29
CA LEU A 416 17.39 5.75 -3.27
C LEU A 416 18.37 6.75 -3.83
N ARG A 417 18.86 6.54 -5.03
CA ARG A 417 19.79 7.52 -5.54
C ARG A 417 19.14 8.58 -6.39
N GLU A 418 17.87 8.41 -6.75
CA GLU A 418 17.17 9.41 -7.53
C GLU A 418 16.42 10.36 -6.62
N PHE A 419 16.08 9.90 -5.42
CA PHE A 419 15.30 10.70 -4.47
C PHE A 419 15.96 10.89 -3.12
N THR A 420 15.55 11.96 -2.45
CA THR A 420 16.06 12.28 -1.13
C THR A 420 15.10 11.73 -0.09
N VAL A 421 15.59 10.84 0.77
CA VAL A 421 14.77 10.26 1.82
C VAL A 421 14.82 11.23 2.99
N ARG A 422 13.73 11.38 3.71
CA ARG A 422 13.68 12.31 4.84
C ARG A 422 14.70 11.92 5.91
N PRO A 423 15.43 12.89 6.46
CA PRO A 423 16.41 12.57 7.51
C PRO A 423 15.69 12.10 8.76
N ALA A 424 16.42 11.45 9.66
CA ALA A 424 15.83 10.95 10.90
C ALA A 424 15.24 12.05 11.75
N ALA A 425 15.84 13.23 11.67
CA ALA A 425 15.38 14.39 12.44
C ALA A 425 14.27 15.17 11.76
N GLY A 426 13.95 14.84 10.51
CA GLY A 426 12.93 15.57 9.82
C GLY A 426 13.54 16.43 8.71
N GLY A 427 12.70 17.24 8.08
CA GLY A 427 13.17 18.05 6.98
C GLY A 427 12.42 17.53 5.78
N SER A 428 12.76 18.02 4.59
CA SER A 428 12.07 17.57 3.40
C SER A 428 12.61 16.24 2.92
N GLY A 429 11.81 15.51 2.17
CA GLY A 429 12.27 14.23 1.66
C GLY A 429 11.10 13.29 1.66
N LEU A 430 11.32 12.10 1.13
CA LEU A 430 10.28 11.10 1.06
C LEU A 430 10.40 10.07 2.19
N ASP A 431 9.28 9.45 2.53
CA ASP A 431 9.22 8.38 3.53
C ASP A 431 8.90 7.16 2.66
N LEU A 432 9.81 6.19 2.65
CA LEU A 432 9.65 5.00 1.81
C LEU A 432 9.37 3.80 2.69
N PHE A 433 8.35 3.02 2.35
CA PHE A 433 8.01 1.84 3.14
C PHE A 433 7.94 0.64 2.25
N ALA A 434 8.46 -0.47 2.71
CA ALA A 434 8.44 -1.70 1.93
C ALA A 434 7.69 -2.81 2.62
N GLU A 435 6.98 -3.62 1.85
CA GLU A 435 6.32 -4.83 2.35
C GLU A 435 7.45 -5.74 1.81
N PRO A 436 8.39 -6.11 2.67
CA PRO A 436 9.57 -6.94 2.40
C PRO A 436 9.46 -8.41 2.02
N TRP A 437 8.47 -8.73 1.18
CA TRP A 437 8.27 -10.10 0.71
C TRP A 437 7.55 -10.16 -0.65
N ALA A 438 7.60 -11.32 -1.28
CA ALA A 438 6.97 -11.57 -2.57
C ALA A 438 6.65 -13.06 -2.53
N ILE A 439 6.69 -13.74 -3.68
CA ILE A 439 6.40 -15.17 -3.69
C ILE A 439 7.49 -15.99 -4.34
N GLY A 440 8.06 -16.92 -3.57
CA GLY A 440 9.11 -17.79 -4.07
C GLY A 440 10.53 -17.25 -3.99
N GLY A 441 11.50 -18.10 -4.32
CA GLY A 441 12.91 -17.73 -4.30
C GLY A 441 13.30 -17.18 -2.95
N ASN A 442 14.32 -16.32 -2.91
CA ASN A 442 14.72 -15.73 -1.64
C ASN A 442 14.00 -14.41 -1.43
N SER A 443 12.73 -14.32 -1.83
CA SER A 443 11.97 -13.08 -1.72
C SER A 443 11.59 -12.62 -0.32
N TYR A 444 11.45 -13.55 0.62
CA TYR A 444 11.10 -13.12 1.97
C TYR A 444 12.29 -12.39 2.56
N GLN A 445 12.18 -11.06 2.65
CA GLN A 445 13.28 -10.25 3.14
C GLN A 445 13.04 -9.34 4.31
N LEU A 446 12.30 -9.77 5.33
CA LEU A 446 12.09 -8.91 6.47
C LEU A 446 13.46 -8.63 7.15
N GLY A 447 13.86 -7.36 7.11
CA GLY A 447 15.11 -6.93 7.70
C GLY A 447 16.23 -6.91 6.66
N GLY A 448 15.88 -7.18 5.41
CA GLY A 448 16.88 -7.23 4.36
C GLY A 448 17.00 -6.03 3.46
N PHE A 449 16.15 -5.02 3.65
CA PHE A 449 16.19 -3.81 2.82
C PHE A 449 17.28 -2.86 3.26
N PRO A 450 17.83 -2.09 2.32
CA PRO A 450 18.90 -1.14 2.62
C PRO A 450 18.47 0.02 3.53
N GLN A 451 19.46 0.77 4.01
CA GLN A 451 19.20 1.95 4.81
C GLN A 451 18.43 2.92 3.92
N GLY A 452 17.45 3.60 4.50
CA GLY A 452 16.64 4.51 3.71
C GLY A 452 15.27 3.89 3.50
N TRP A 453 15.15 2.61 3.82
CA TRP A 453 13.89 1.89 3.70
C TRP A 453 13.34 1.41 5.02
N SER A 454 12.07 1.73 5.27
CA SER A 454 11.38 1.25 6.48
C SER A 454 10.64 0.01 5.94
N GLU A 455 10.21 -0.87 6.83
CA GLU A 455 9.53 -2.10 6.42
C GLU A 455 8.33 -2.47 7.27
N TRP A 456 7.35 -3.13 6.65
CA TRP A 456 6.18 -3.62 7.35
C TRP A 456 6.64 -4.81 8.19
N ASN A 457 6.55 -4.68 9.50
CA ASN A 457 7.00 -5.74 10.42
C ASN A 457 5.96 -6.84 10.67
N GLY A 458 6.01 -7.87 9.83
CA GLY A 458 5.11 -9.00 9.96
C GLY A 458 5.34 -9.80 11.22
N LEU A 459 6.57 -9.81 11.70
CA LEU A 459 6.91 -10.53 12.91
C LEU A 459 6.28 -9.85 14.14
N PHE A 460 6.12 -8.53 14.11
CA PHE A 460 5.50 -7.79 15.20
C PHE A 460 4.05 -8.24 15.27
N ARG A 461 3.38 -8.19 14.12
CA ARG A 461 1.98 -8.58 13.97
C ARG A 461 1.72 -10.00 14.50
N ASP A 462 2.42 -10.98 13.90
CA ASP A 462 2.29 -12.38 14.24
C ASP A 462 2.64 -12.78 15.65
N SER A 463 3.81 -12.37 16.12
CA SER A 463 4.23 -12.77 17.46
C SER A 463 3.31 -12.26 18.54
N LEU A 464 2.80 -11.04 18.39
CA LEU A 464 1.90 -10.46 19.38
C LEU A 464 0.50 -11.06 19.27
N ARG A 465 0.07 -11.43 18.07
CA ARG A 465 -1.24 -12.05 17.93
C ARG A 465 -1.11 -13.40 18.64
N GLN A 466 0.01 -14.09 18.42
CA GLN A 466 0.24 -15.38 19.07
C GLN A 466 0.29 -15.28 20.59
N ALA A 467 0.97 -14.26 21.10
CA ALA A 467 1.08 -14.05 22.54
C ALA A 467 -0.26 -13.88 23.23
N GLN A 468 -1.21 -13.29 22.50
CA GLN A 468 -2.55 -13.05 23.03
C GLN A 468 -3.55 -14.16 22.77
N ASN A 469 -3.53 -14.68 21.55
CA ASN A 469 -4.50 -15.69 21.13
C ASN A 469 -4.04 -17.15 21.07
N GLU A 470 -2.74 -17.42 21.20
CA GLU A 470 -2.23 -18.80 21.08
C GLU A 470 -1.59 -19.37 22.33
N LEU A 471 -1.90 -18.78 23.49
CA LEU A 471 -1.34 -19.25 24.74
C LEU A 471 -1.82 -20.69 24.89
N GLY A 472 -0.88 -21.59 25.12
CA GLY A 472 -1.21 -22.99 25.26
C GLY A 472 -1.09 -23.79 23.96
N SER A 473 -1.33 -23.14 22.82
CA SER A 473 -1.25 -23.84 21.54
C SER A 473 0.15 -23.85 20.98
N MET A 474 0.89 -22.77 21.20
CA MET A 474 2.26 -22.72 20.72
C MET A 474 3.14 -21.99 21.70
N THR A 475 4.45 -22.10 21.50
CA THR A 475 5.42 -21.46 22.37
C THR A 475 5.40 -19.96 22.13
N ILE A 476 5.33 -19.21 23.21
CA ILE A 476 5.34 -17.78 23.17
C ILE A 476 6.67 -17.41 23.83
N TYR A 477 7.46 -16.57 23.18
CA TYR A 477 8.76 -16.15 23.71
C TYR A 477 8.66 -14.77 24.31
N VAL A 478 8.94 -14.66 25.61
CA VAL A 478 8.85 -13.37 26.27
C VAL A 478 9.92 -12.41 25.71
N THR A 479 10.99 -12.98 25.15
CA THR A 479 12.05 -12.18 24.57
C THR A 479 11.59 -11.51 23.26
N GLN A 480 10.71 -12.19 22.51
CA GLN A 480 10.17 -11.64 21.28
C GLN A 480 9.23 -10.46 21.61
N ASP A 481 8.43 -10.59 22.68
CA ASP A 481 7.55 -9.50 23.12
C ASP A 481 8.47 -8.28 23.31
N ALA A 482 9.54 -8.48 24.08
CA ALA A 482 10.52 -7.42 24.34
C ALA A 482 11.03 -6.78 23.05
N ASN A 483 11.45 -7.60 22.10
CA ASN A 483 11.93 -7.12 20.80
C ASN A 483 10.87 -6.28 20.12
N ASP A 484 9.64 -6.76 20.13
CA ASP A 484 8.53 -6.05 19.56
C ASP A 484 8.40 -4.66 20.17
N PHE A 485 8.29 -4.60 21.51
CA PHE A 485 8.12 -3.32 22.21
C PHE A 485 9.26 -2.31 22.06
N SER A 486 10.47 -2.82 21.90
CA SER A 486 11.66 -1.98 21.76
C SER A 486 12.09 -1.61 20.34
N GLY A 487 11.25 -1.84 19.33
CA GLY A 487 11.60 -1.46 17.98
C GLY A 487 12.30 -2.48 17.12
N SER A 488 12.19 -3.75 17.49
CA SER A 488 12.79 -4.88 16.79
C SER A 488 14.22 -4.70 16.29
N SER A 489 15.15 -4.48 17.21
CA SER A 489 16.54 -4.33 16.86
C SER A 489 17.04 -5.61 16.19
N ASN A 490 16.42 -6.75 16.53
CA ASN A 490 16.78 -8.07 15.97
C ASN A 490 16.62 -8.11 14.44
N LEU A 491 15.82 -7.18 13.91
CA LEU A 491 15.57 -7.12 12.48
C LEU A 491 16.25 -5.93 11.87
N PHE A 492 16.26 -4.80 12.59
CA PHE A 492 16.78 -3.57 12.02
C PHE A 492 18.12 -3.01 12.36
N GLN A 493 18.66 -3.37 13.52
CA GLN A 493 19.93 -2.79 13.93
C GLN A 493 21.18 -3.14 13.14
N SER A 494 21.36 -4.40 12.75
CA SER A 494 22.57 -4.78 12.02
C SER A 494 22.78 -4.04 10.68
N SER A 495 21.70 -3.55 10.07
CA SER A 495 21.78 -2.83 8.80
C SER A 495 22.07 -1.36 8.99
N GLY A 496 22.20 -0.94 10.25
CA GLY A 496 22.47 0.46 10.52
C GLY A 496 21.21 1.29 10.60
N ARG A 497 20.05 0.62 10.59
CA ARG A 497 18.78 1.32 10.69
C ARG A 497 18.36 1.57 12.15
N SER A 498 17.20 2.20 12.33
CA SER A 498 16.69 2.59 13.64
C SER A 498 15.36 1.96 13.98
N PRO A 499 14.90 2.14 15.24
CA PRO A 499 13.61 1.58 15.65
C PRO A 499 12.41 2.10 14.84
N TRP A 500 12.41 3.37 14.46
CA TRP A 500 11.27 3.88 13.68
C TRP A 500 11.18 3.35 12.23
N ASN A 501 12.15 2.52 11.82
CA ASN A 501 12.14 1.90 10.50
C ASN A 501 11.26 0.65 10.57
N SER A 502 10.82 0.32 11.78
CA SER A 502 9.91 -0.82 11.96
C SER A 502 8.47 -0.32 11.93
N ILE A 503 7.73 -0.67 10.89
CA ILE A 503 6.32 -0.26 10.83
C ILE A 503 5.56 -1.33 11.62
N ASN A 504 5.11 -0.94 12.80
CA ASN A 504 4.38 -1.83 13.70
C ASN A 504 2.87 -1.74 13.52
N PHE A 505 2.25 -2.90 13.33
CA PHE A 505 0.82 -2.97 13.14
C PHE A 505 0.33 -4.32 13.58
N ILE A 506 -0.92 -4.37 14.04
CA ILE A 506 -1.53 -5.61 14.45
C ILE A 506 -2.34 -6.11 13.23
N ASP A 507 -2.83 -5.16 12.42
CA ASP A 507 -3.64 -5.49 11.26
C ASP A 507 -3.59 -4.46 10.13
N VAL A 508 -3.72 -4.94 8.90
CA VAL A 508 -3.74 -4.13 7.69
C VAL A 508 -4.85 -4.65 6.77
N HIS A 509 -5.01 -4.10 5.58
CA HIS A 509 -6.07 -4.53 4.67
C HIS A 509 -6.05 -6.04 4.43
N ASP A 510 -4.85 -6.62 4.38
CA ASP A 510 -4.63 -8.06 4.17
C ASP A 510 -4.92 -8.78 5.49
N GLY A 511 -5.98 -9.57 5.54
CA GLY A 511 -6.27 -10.26 6.78
C GLY A 511 -7.41 -9.60 7.51
N MET A 512 -7.52 -9.91 8.79
CA MET A 512 -8.60 -9.38 9.59
C MET A 512 -8.36 -7.98 10.17
N THR A 513 -9.45 -7.33 10.52
CA THR A 513 -9.43 -6.00 11.13
C THR A 513 -9.01 -6.23 12.57
N LEU A 514 -8.83 -5.15 13.33
CA LEU A 514 -8.44 -5.27 14.72
C LEU A 514 -9.49 -6.07 15.50
N LYS A 515 -10.74 -5.62 15.45
CA LYS A 515 -11.81 -6.30 16.15
C LYS A 515 -11.85 -7.78 15.77
N ASP A 516 -11.70 -8.05 14.47
CA ASP A 516 -11.73 -9.42 14.00
C ASP A 516 -10.65 -10.38 14.47
N VAL A 517 -9.42 -9.91 14.67
CA VAL A 517 -8.39 -10.86 15.13
C VAL A 517 -8.68 -11.35 16.57
N TYR A 518 -9.59 -10.66 17.27
CA TYR A 518 -9.97 -11.01 18.65
C TYR A 518 -11.44 -11.44 18.76
N SER A 519 -12.10 -11.65 17.61
CA SER A 519 -13.50 -12.05 17.58
C SER A 519 -13.76 -13.20 16.62
N CYS A 520 -12.70 -13.69 15.97
CA CYS A 520 -12.85 -14.76 15.00
C CYS A 520 -11.95 -15.91 15.29
N ASN A 521 -12.51 -17.10 15.29
CA ASN A 521 -11.69 -18.28 15.52
C ASN A 521 -11.05 -18.72 14.19
N GLY A 522 -11.48 -18.10 13.10
CA GLY A 522 -10.93 -18.40 11.81
C GLY A 522 -11.56 -17.46 10.80
N ALA A 523 -11.10 -17.52 9.56
CA ALA A 523 -11.64 -16.69 8.50
C ALA A 523 -13.00 -17.23 8.11
N ASN A 524 -13.86 -16.37 7.60
CA ASN A 524 -15.18 -16.78 7.12
C ASN A 524 -15.37 -15.98 5.83
N ASN A 525 -14.76 -16.48 4.75
CA ASN A 525 -14.81 -15.79 3.47
C ASN A 525 -15.86 -16.31 2.49
N SER A 526 -16.76 -17.15 2.96
CA SER A 526 -17.77 -17.69 2.07
C SER A 526 -19.18 -17.19 2.33
N GLN A 527 -19.30 -16.02 2.95
CA GLN A 527 -20.60 -15.44 3.24
C GLN A 527 -21.13 -14.87 1.94
N ALA A 528 -22.41 -14.53 1.92
CA ALA A 528 -22.99 -13.94 0.74
C ALA A 528 -22.92 -12.42 0.83
N TRP A 529 -23.35 -11.75 -0.22
CA TRP A 529 -23.36 -10.29 -0.28
C TRP A 529 -24.10 -9.73 0.94
N PRO A 530 -23.59 -8.64 1.54
CA PRO A 530 -22.40 -7.88 1.15
C PRO A 530 -21.08 -8.24 1.87
N TYR A 531 -21.00 -9.42 2.48
CA TYR A 531 -19.81 -9.83 3.21
C TYR A 531 -18.92 -10.83 2.51
N GLY A 532 -19.28 -11.22 1.30
CA GLY A 532 -18.47 -12.18 0.60
C GLY A 532 -19.17 -12.55 -0.69
N PRO A 533 -18.71 -13.59 -1.39
CA PRO A 533 -17.56 -14.39 -1.00
C PRO A 533 -16.21 -13.86 -1.49
N SER A 534 -15.14 -14.25 -0.80
CA SER A 534 -13.80 -13.83 -1.15
C SER A 534 -12.85 -15.03 -1.13
N ASP A 535 -12.12 -15.26 -2.22
CA ASP A 535 -11.19 -16.37 -2.30
C ASP A 535 -9.99 -16.18 -1.41
N GLY A 536 -10.01 -16.99 -0.34
CA GLY A 536 -9.00 -17.04 0.71
C GLY A 536 -7.74 -16.21 0.78
N GLY A 537 -7.53 -15.66 1.98
CA GLY A 537 -6.34 -14.88 2.25
C GLY A 537 -5.40 -15.84 2.96
N THR A 538 -4.76 -15.40 4.02
CA THR A 538 -3.84 -16.27 4.73
C THR A 538 -4.56 -17.35 5.53
N SER A 539 -3.86 -18.44 5.82
CA SER A 539 -4.41 -19.54 6.62
C SER A 539 -3.97 -19.37 8.08
N THR A 540 -3.02 -18.46 8.29
CA THR A 540 -2.48 -18.16 9.61
C THR A 540 -2.86 -16.77 10.12
N ASN A 541 -4.04 -16.65 10.72
CA ASN A 541 -4.49 -15.36 11.25
C ASN A 541 -4.13 -15.19 12.70
N TYR A 542 -3.95 -16.30 13.41
CA TYR A 542 -3.64 -16.31 14.84
C TYR A 542 -4.73 -15.53 15.55
N SER A 543 -5.97 -15.80 15.15
CA SER A 543 -7.11 -15.12 15.73
C SER A 543 -7.79 -16.02 16.74
N TRP A 544 -8.56 -15.42 17.64
CA TRP A 544 -9.28 -16.15 18.66
C TRP A 544 -10.38 -15.22 19.15
N ASP A 545 -11.55 -15.77 19.43
CA ASP A 545 -12.69 -14.97 19.90
C ASP A 545 -12.77 -14.72 21.42
N GLN A 546 -11.67 -15.00 22.11
CA GLN A 546 -11.53 -14.84 23.55
C GLN A 546 -12.44 -15.75 24.40
N GLY A 547 -12.84 -16.88 23.80
CA GLY A 547 -13.69 -17.82 24.50
C GLY A 547 -15.17 -17.59 24.29
N MET A 548 -15.49 -16.60 23.48
CA MET A 548 -16.88 -16.27 23.19
C MET A 548 -17.75 -17.50 22.92
N SER A 549 -17.39 -18.29 21.91
CA SER A 549 -18.16 -19.48 21.54
C SER A 549 -18.10 -20.59 22.57
N ALA A 550 -16.95 -20.75 23.22
CA ALA A 550 -16.77 -21.78 24.24
C ALA A 550 -17.54 -21.46 25.52
N GLY A 551 -18.02 -20.23 25.63
CA GLY A 551 -18.75 -19.83 26.81
C GLY A 551 -17.82 -19.33 27.91
N THR A 552 -16.52 -19.31 27.65
CA THR A 552 -15.55 -18.84 28.64
C THR A 552 -15.18 -17.39 28.41
N GLY A 553 -15.78 -16.76 27.40
CA GLY A 553 -15.47 -15.38 27.11
C GLY A 553 -16.72 -14.63 26.75
N ALA A 554 -16.61 -13.31 26.63
CA ALA A 554 -17.72 -12.44 26.30
C ALA A 554 -17.22 -11.22 25.52
N ALA A 555 -18.14 -10.33 25.16
CA ALA A 555 -17.78 -9.14 24.40
C ALA A 555 -16.71 -8.26 25.05
N VAL A 556 -16.84 -8.00 26.36
CA VAL A 556 -15.84 -7.17 27.07
C VAL A 556 -14.43 -7.68 26.85
N ASP A 557 -14.32 -8.99 26.82
CA ASP A 557 -13.06 -9.67 26.63
C ASP A 557 -12.49 -9.42 25.25
N GLN A 558 -13.33 -9.40 24.24
CA GLN A 558 -12.84 -9.14 22.89
C GLN A 558 -12.37 -7.67 22.84
N ARG A 559 -13.05 -6.80 23.57
CA ARG A 559 -12.69 -5.39 23.65
C ARG A 559 -11.42 -5.24 24.48
N ARG A 560 -11.26 -6.07 25.50
CA ARG A 560 -10.05 -6.00 26.32
C ARG A 560 -8.85 -6.37 25.44
N ALA A 561 -8.98 -7.41 24.65
CA ALA A 561 -7.90 -7.85 23.75
C ALA A 561 -7.56 -6.81 22.67
N ALA A 562 -8.60 -6.20 22.09
CA ALA A 562 -8.44 -5.17 21.07
C ALA A 562 -7.76 -3.97 21.67
N ARG A 563 -8.13 -3.63 22.91
CA ARG A 563 -7.50 -2.51 23.61
C ARG A 563 -6.01 -2.80 23.82
N THR A 564 -5.71 -4.05 24.17
CA THR A 564 -4.34 -4.47 24.41
C THR A 564 -3.51 -4.47 23.11
N GLY A 565 -4.08 -4.95 21.99
CA GLY A 565 -3.37 -4.96 20.73
C GLY A 565 -3.10 -3.54 20.23
N MET A 566 -4.10 -2.67 20.28
CA MET A 566 -3.88 -1.32 19.83
C MET A 566 -2.81 -0.64 20.69
N ALA A 567 -2.86 -0.88 22.00
CA ALA A 567 -1.88 -0.32 22.91
C ALA A 567 -0.45 -0.78 22.53
N PHE A 568 -0.30 -2.04 22.12
CA PHE A 568 1.00 -2.57 21.70
C PHE A 568 1.60 -1.73 20.57
N GLU A 569 0.83 -1.49 19.52
CA GLU A 569 1.33 -0.72 18.39
C GLU A 569 1.53 0.75 18.70
N MET A 570 0.69 1.33 19.55
CA MET A 570 0.80 2.75 19.89
C MET A 570 1.81 3.07 20.99
N LEU A 571 2.25 2.06 21.73
CA LEU A 571 3.20 2.28 22.84
C LEU A 571 4.61 1.82 22.48
N SER A 572 4.70 0.91 21.52
CA SER A 572 5.98 0.37 21.08
C SER A 572 6.85 1.32 20.28
N ALA A 573 8.16 1.20 20.43
CA ALA A 573 9.11 2.00 19.64
C ALA A 573 8.93 1.52 18.19
N GLY A 574 9.03 2.45 17.24
CA GLY A 574 8.84 2.15 15.81
C GLY A 574 7.79 3.11 15.26
N THR A 575 7.31 2.91 14.04
CA THR A 575 6.25 3.79 13.53
C THR A 575 4.97 2.96 13.47
N PRO A 576 3.95 3.35 14.25
CA PRO A 576 2.64 2.66 14.33
C PRO A 576 1.80 2.87 13.06
N LEU A 577 1.05 1.85 12.69
CA LEU A 577 0.17 1.93 11.53
C LEU A 577 -1.11 1.24 11.96
N MET A 578 -2.25 1.94 11.82
CA MET A 578 -3.52 1.36 12.19
C MET A 578 -4.38 1.33 10.92
N GLN A 579 -5.32 0.40 10.87
CA GLN A 579 -6.19 0.35 9.72
C GLN A 579 -7.41 1.21 10.02
N GLY A 580 -7.80 2.06 9.06
CA GLY A 580 -8.95 2.92 9.23
C GLY A 580 -10.17 2.10 9.60
N GLY A 581 -10.86 2.51 10.66
CA GLY A 581 -12.04 1.79 11.09
C GLY A 581 -11.77 1.09 12.41
N ASP A 582 -10.49 0.82 12.70
CA ASP A 582 -10.10 0.17 13.94
C ASP A 582 -10.44 1.07 15.14
N GLU A 583 -10.62 2.36 14.90
CA GLU A 583 -10.96 3.29 15.97
C GLU A 583 -12.40 3.10 16.47
N TYR A 584 -13.21 2.30 15.77
CA TYR A 584 -14.59 2.05 16.22
C TYR A 584 -14.88 0.57 16.15
N LEU A 585 -13.80 -0.20 16.11
CA LEU A 585 -13.89 -1.65 16.04
C LEU A 585 -14.61 -2.15 14.80
N ARG A 586 -14.23 -1.62 13.63
CA ARG A 586 -14.80 -2.07 12.36
C ARG A 586 -14.60 -3.59 12.25
N THR A 587 -15.64 -4.26 11.79
CA THR A 587 -15.61 -5.69 11.62
C THR A 587 -16.03 -6.02 10.20
N LEU A 588 -15.54 -7.14 9.69
CA LEU A 588 -15.88 -7.61 8.35
C LEU A 588 -16.45 -9.02 8.52
N GLN A 589 -16.87 -9.31 9.74
CA GLN A 589 -17.43 -10.60 10.11
C GLN A 589 -16.54 -11.76 9.76
N CYS A 590 -15.25 -11.52 9.97
CA CYS A 590 -14.20 -12.51 9.76
C CYS A 590 -13.77 -12.76 8.34
N ASN A 591 -14.19 -11.92 7.39
CA ASN A 591 -13.70 -12.06 6.03
C ASN A 591 -12.26 -11.52 6.12
N ASN A 592 -11.26 -12.34 5.76
CA ASN A 592 -9.86 -11.92 5.85
C ASN A 592 -9.17 -11.64 4.52
N ASN A 593 -9.95 -11.49 3.45
CA ASN A 593 -9.41 -11.20 2.13
C ASN A 593 -10.46 -10.45 1.32
N ALA A 594 -10.96 -9.36 1.88
CA ALA A 594 -12.03 -8.58 1.27
C ALA A 594 -11.64 -7.68 0.11
N TYR A 595 -10.79 -8.21 -0.76
CA TYR A 595 -10.28 -7.45 -1.90
C TYR A 595 -11.26 -7.20 -3.03
N ASN A 596 -12.35 -7.96 -3.07
CA ASN A 596 -13.32 -7.83 -4.14
C ASN A 596 -14.69 -7.35 -3.67
N LEU A 597 -14.73 -6.80 -2.46
CA LEU A 597 -15.99 -6.34 -1.90
C LEU A 597 -16.17 -4.84 -1.95
N ASP A 598 -16.76 -4.34 -3.04
CA ASP A 598 -17.03 -2.91 -3.19
C ASP A 598 -18.45 -2.78 -2.64
N SER A 599 -18.60 -2.96 -1.32
CA SER A 599 -19.93 -2.91 -0.70
C SER A 599 -19.93 -2.20 0.65
N SER A 600 -21.14 -2.01 1.18
CA SER A 600 -21.33 -1.34 2.46
C SER A 600 -20.65 -2.04 3.65
N ALA A 601 -20.46 -3.35 3.55
CA ALA A 601 -19.79 -4.11 4.60
C ALA A 601 -18.32 -3.67 4.61
N ASN A 602 -17.81 -3.33 3.43
CA ASN A 602 -16.44 -2.88 3.30
C ASN A 602 -16.21 -1.38 3.54
N TRP A 603 -17.09 -0.50 3.10
CA TRP A 603 -16.82 0.90 3.38
C TRP A 603 -16.96 1.16 4.86
N LEU A 604 -16.39 2.28 5.28
CA LEU A 604 -16.44 2.70 6.67
C LEU A 604 -17.81 3.31 6.99
N THR A 605 -18.23 3.18 8.24
CA THR A 605 -19.51 3.72 8.67
C THR A 605 -19.19 4.62 9.85
N TYR A 606 -20.03 5.63 10.05
CA TYR A 606 -19.79 6.55 11.13
C TYR A 606 -20.88 6.60 12.19
N SER A 607 -21.78 5.63 12.11
CA SER A 607 -22.88 5.49 13.06
C SER A 607 -22.39 4.36 13.97
N TRP A 608 -21.99 4.72 15.18
CA TRP A 608 -21.44 3.75 16.12
C TRP A 608 -22.29 3.52 17.36
N THR A 609 -22.05 2.39 18.01
CA THR A 609 -22.74 2.04 19.22
C THR A 609 -21.94 2.68 20.35
N THR A 610 -22.46 2.59 21.56
CA THR A 610 -21.80 3.15 22.73
C THR A 610 -20.44 2.51 22.90
N ASP A 611 -20.40 1.19 22.79
CA ASP A 611 -19.17 0.45 22.95
C ASP A 611 -18.14 0.80 21.89
N GLN A 612 -18.62 1.15 20.71
CA GLN A 612 -17.74 1.51 19.63
C GLN A 612 -17.27 2.92 19.86
N SER A 613 -18.16 3.80 20.31
CA SER A 613 -17.76 5.17 20.60
C SER A 613 -16.79 5.18 21.77
N ASN A 614 -16.95 4.21 22.66
CA ASN A 614 -16.07 4.12 23.82
C ASN A 614 -14.68 3.75 23.39
N PHE A 615 -14.59 2.89 22.39
CA PHE A 615 -13.28 2.48 21.90
C PHE A 615 -12.58 3.63 21.20
N TYR A 616 -13.34 4.42 20.43
CA TYR A 616 -12.79 5.58 19.75
C TYR A 616 -12.14 6.53 20.77
N THR A 617 -12.75 6.68 21.94
CA THR A 617 -12.21 7.55 22.97
C THR A 617 -10.90 6.96 23.45
N PHE A 618 -10.85 5.65 23.65
CA PHE A 618 -9.63 4.97 24.06
C PHE A 618 -8.53 5.21 23.03
N ALA A 619 -8.85 4.97 21.76
CA ALA A 619 -7.90 5.13 20.67
C ALA A 619 -7.40 6.57 20.53
N GLN A 620 -8.30 7.53 20.64
CA GLN A 620 -7.94 8.93 20.54
C GLN A 620 -6.99 9.40 21.64
N ARG A 621 -7.21 8.94 22.86
CA ARG A 621 -6.36 9.32 23.99
C ARG A 621 -5.02 8.59 23.96
N LEU A 622 -5.01 7.37 23.43
CA LEU A 622 -3.78 6.59 23.33
C LEU A 622 -2.84 7.21 22.26
N ILE A 623 -3.41 7.64 21.14
CA ILE A 623 -2.63 8.26 20.08
C ILE A 623 -2.13 9.60 20.61
N ALA A 624 -2.98 10.34 21.34
CA ALA A 624 -2.60 11.63 21.94
C ALA A 624 -1.45 11.42 22.90
N PHE A 625 -1.51 10.35 23.67
CA PHE A 625 -0.48 10.01 24.65
C PHE A 625 0.85 9.76 23.96
N ARG A 626 0.86 8.89 22.96
CA ARG A 626 2.10 8.62 22.23
C ARG A 626 2.68 9.95 21.74
N LYS A 627 1.85 10.77 21.11
CA LYS A 627 2.29 12.06 20.60
C LYS A 627 2.82 13.02 21.66
N ALA A 628 2.38 12.83 22.90
CA ALA A 628 2.83 13.67 24.03
C ALA A 628 4.06 13.13 24.75
N HIS A 629 4.50 11.92 24.41
CA HIS A 629 5.62 11.35 25.13
C HIS A 629 6.72 10.78 24.26
N PRO A 630 7.77 11.59 24.01
CA PRO A 630 8.97 11.33 23.20
C PRO A 630 9.71 10.08 23.62
N ALA A 631 9.57 9.69 24.88
CA ALA A 631 10.23 8.49 25.38
C ALA A 631 9.75 7.26 24.62
N LEU A 632 8.55 7.34 24.06
CA LEU A 632 7.97 6.25 23.28
C LEU A 632 8.39 6.29 21.80
N ARG A 633 9.01 7.39 21.38
CA ARG A 633 9.42 7.60 20.00
C ARG A 633 10.92 7.88 19.88
N PRO A 634 11.76 6.94 20.35
CA PRO A 634 13.20 7.17 20.28
C PRO A 634 13.70 7.23 18.84
N SER A 635 14.65 8.12 18.57
CA SER A 635 15.18 8.19 17.23
C SER A 635 16.24 7.14 17.05
N SER A 636 16.73 6.62 18.15
CA SER A 636 17.73 5.58 18.13
C SER A 636 17.40 4.51 19.17
N TRP A 637 18.02 3.34 19.01
CA TRP A 637 17.80 2.21 19.90
C TRP A 637 17.96 2.62 21.37
N TYR A 638 17.02 2.20 22.22
CA TYR A 638 17.09 2.53 23.64
C TYR A 638 18.42 2.06 24.20
N SER A 639 19.06 2.91 24.99
CA SER A 639 20.33 2.56 25.61
C SER A 639 19.99 1.82 26.90
N GLY A 640 21.01 1.25 27.54
CA GLY A 640 20.81 0.51 28.77
C GLY A 640 20.29 1.32 29.93
N SER A 641 20.64 2.61 29.98
CA SER A 641 20.18 3.47 31.07
C SER A 641 18.76 3.97 30.82
N GLN A 642 18.35 3.97 29.56
CA GLN A 642 17.03 4.45 29.19
C GLN A 642 15.91 3.48 29.39
N LEU A 643 16.18 2.20 29.25
CA LEU A 643 15.15 1.20 29.42
C LEU A 643 15.62 0.03 30.26
N THR A 644 14.78 -0.37 31.22
CA THR A 644 15.07 -1.49 32.10
C THR A 644 13.93 -2.49 32.03
N TRP A 645 14.28 -3.76 31.85
CA TRP A 645 13.28 -4.82 31.78
C TRP A 645 13.06 -5.38 33.18
N TYR A 646 11.78 -5.52 33.55
CA TYR A 646 11.39 -6.01 34.85
C TYR A 646 10.52 -7.23 34.85
N GLN A 647 10.79 -8.12 35.79
CA GLN A 647 9.99 -9.30 35.97
C GLN A 647 8.83 -8.77 36.84
N PRO A 648 7.76 -9.55 37.00
CA PRO A 648 6.63 -9.10 37.82
C PRO A 648 7.03 -8.81 39.25
N SER A 649 8.04 -9.55 39.74
CA SER A 649 8.52 -9.40 41.11
C SER A 649 9.15 -8.05 41.39
N GLY A 650 9.28 -7.21 40.36
CA GLY A 650 9.89 -5.92 40.58
C GLY A 650 11.39 -6.07 40.42
N ALA A 651 11.86 -7.30 40.19
CA ALA A 651 13.27 -7.59 39.99
C ALA A 651 13.57 -7.47 38.51
N VAL A 652 14.77 -7.00 38.19
CA VAL A 652 15.20 -6.85 36.80
C VAL A 652 15.17 -8.19 36.07
N ALA A 653 14.61 -8.20 34.86
CA ALA A 653 14.51 -9.41 34.06
C ALA A 653 15.92 -9.88 33.71
N ASP A 654 16.29 -11.05 34.21
CA ASP A 654 17.62 -11.61 33.98
C ASP A 654 17.59 -12.76 32.98
N SER A 655 18.75 -13.39 32.75
CA SER A 655 18.83 -14.50 31.81
C SER A 655 17.94 -15.70 32.19
N ASN A 656 17.84 -16.00 33.48
CA ASN A 656 16.99 -17.11 33.95
C ASN A 656 15.56 -16.83 33.51
N TYR A 657 15.19 -15.57 33.57
CA TYR A 657 13.86 -15.11 33.19
C TYR A 657 13.68 -15.17 31.68
N TRP A 658 14.60 -14.56 30.96
CA TRP A 658 14.55 -14.51 29.50
C TRP A 658 14.52 -15.86 28.84
N ASN A 659 15.31 -16.80 29.36
CA ASN A 659 15.37 -18.14 28.80
C ASN A 659 14.30 -19.10 29.34
N ASN A 660 13.45 -18.62 30.22
CA ASN A 660 12.38 -19.47 30.73
C ASN A 660 11.13 -19.23 29.88
N THR A 661 10.85 -20.22 29.04
CA THR A 661 9.74 -20.24 28.10
C THR A 661 8.33 -20.35 28.70
N SER A 662 8.24 -20.36 30.02
CA SER A 662 6.96 -20.43 30.73
C SER A 662 6.67 -19.09 31.43
N ASN A 663 7.44 -18.08 31.04
CA ASN A 663 7.28 -16.73 31.56
C ASN A 663 6.57 -15.97 30.48
N TYR A 664 5.35 -15.52 30.80
CA TYR A 664 4.52 -14.80 29.86
C TYR A 664 4.24 -13.34 30.21
N ALA A 665 4.68 -12.90 31.40
CA ALA A 665 4.46 -11.53 31.86
C ALA A 665 5.76 -10.75 31.73
N ILE A 666 5.70 -9.49 31.34
CA ILE A 666 6.92 -8.71 31.20
C ILE A 666 6.56 -7.27 31.44
N ALA A 667 7.49 -6.49 31.97
CA ALA A 667 7.24 -5.09 32.21
C ALA A 667 8.53 -4.36 31.93
N TYR A 668 8.40 -3.06 31.70
CA TYR A 668 9.58 -2.25 31.46
C TYR A 668 9.34 -0.82 31.88
N ALA A 669 10.41 -0.10 32.13
CA ALA A 669 10.32 1.29 32.52
C ALA A 669 11.30 2.06 31.66
N ILE A 670 10.90 3.24 31.21
CA ILE A 670 11.74 4.08 30.38
C ILE A 670 12.00 5.39 31.12
N ASN A 671 13.26 5.82 31.10
CA ASN A 671 13.67 7.06 31.75
C ASN A 671 13.19 8.19 30.84
N GLY A 672 12.05 8.77 31.18
CA GLY A 672 11.48 9.83 30.37
C GLY A 672 12.39 10.99 30.01
N PRO A 673 12.98 11.67 31.00
CA PRO A 673 13.87 12.81 30.81
C PRO A 673 15.08 12.57 29.94
N SER A 674 15.59 11.36 29.93
CA SER A 674 16.76 11.07 29.09
C SER A 674 16.37 11.09 27.61
N LEU A 675 15.09 10.91 27.34
CA LEU A 675 14.57 10.92 25.98
C LEU A 675 13.80 12.21 25.72
N GLY A 676 13.93 13.18 26.63
CA GLY A 676 13.24 14.45 26.46
C GLY A 676 11.78 14.47 26.86
N ASP A 677 11.35 13.45 27.59
CA ASP A 677 9.96 13.33 28.05
C ASP A 677 9.83 14.02 29.40
N SER A 678 8.60 14.31 29.80
CA SER A 678 8.35 14.95 31.09
C SER A 678 8.06 13.93 32.20
N ASN A 679 7.72 12.72 31.81
CA ASN A 679 7.43 11.67 32.78
C ASN A 679 8.17 10.41 32.37
N SER A 680 8.42 9.53 33.33
CA SER A 680 9.01 8.26 33.01
C SER A 680 7.77 7.39 32.85
N ILE A 681 7.88 6.30 32.14
CA ILE A 681 6.71 5.48 31.97
C ILE A 681 7.02 4.02 32.27
N TYR A 682 6.00 3.29 32.67
CA TYR A 682 6.11 1.88 33.00
C TYR A 682 4.96 1.21 32.27
N VAL A 683 5.29 0.17 31.50
CA VAL A 683 4.30 -0.59 30.75
C VAL A 683 4.40 -2.03 31.26
N ALA A 684 3.27 -2.68 31.50
CA ALA A 684 3.25 -4.06 31.96
C ALA A 684 2.32 -4.86 31.08
N TYR A 685 2.80 -6.01 30.61
CA TYR A 685 1.98 -6.87 29.79
C TYR A 685 1.80 -8.21 30.50
N ASN A 686 0.57 -8.54 30.86
CA ASN A 686 0.35 -9.83 31.47
C ASN A 686 -0.09 -10.78 30.37
N GLY A 687 0.86 -11.50 29.79
CA GLY A 687 0.55 -12.42 28.73
C GLY A 687 0.05 -13.74 29.26
N TRP A 688 -0.22 -13.80 30.56
CA TRP A 688 -0.68 -15.01 31.20
C TRP A 688 -2.21 -14.95 31.26
N SER A 689 -2.84 -16.11 31.24
CA SER A 689 -4.29 -16.21 31.25
C SER A 689 -4.95 -15.83 32.56
N SER A 690 -4.17 -15.76 33.62
CA SER A 690 -4.73 -15.43 34.91
C SER A 690 -4.06 -14.21 35.50
N SER A 691 -4.68 -13.70 36.56
CA SER A 691 -4.20 -12.53 37.26
C SER A 691 -2.75 -12.66 37.75
N VAL A 692 -1.96 -11.61 37.53
CA VAL A 692 -0.59 -11.58 37.98
C VAL A 692 -0.35 -10.28 38.75
N THR A 693 0.37 -10.35 39.87
CA THR A 693 0.64 -9.14 40.66
C THR A 693 2.02 -8.57 40.35
N PHE A 694 2.06 -7.32 39.88
CA PHE A 694 3.32 -6.66 39.55
C PHE A 694 3.76 -5.76 40.69
N THR A 695 5.02 -5.88 41.10
CA THR A 695 5.56 -5.03 42.15
C THR A 695 6.28 -3.90 41.44
N LEU A 696 5.79 -2.68 41.63
CA LEU A 696 6.36 -1.53 40.95
C LEU A 696 7.79 -1.16 41.38
N PRO A 697 8.68 -0.91 40.41
CA PRO A 697 10.04 -0.54 40.78
C PRO A 697 10.06 0.94 41.11
N ALA A 698 11.25 1.46 41.39
CA ALA A 698 11.40 2.88 41.73
C ALA A 698 11.32 3.65 40.43
N PRO A 699 10.47 4.68 40.38
CA PRO A 699 10.32 5.49 39.16
C PRO A 699 11.66 6.08 38.77
N PRO A 700 12.05 5.99 37.47
CA PRO A 700 13.33 6.55 37.04
C PRO A 700 13.35 8.08 37.28
N SER A 701 12.17 8.71 37.17
CA SER A 701 12.03 10.14 37.40
C SER A 701 10.76 10.27 38.22
N GLY A 702 10.68 11.35 39.00
CA GLY A 702 9.51 11.56 39.85
C GLY A 702 9.60 10.67 41.08
N THR A 703 8.52 10.62 41.86
CA THR A 703 8.51 9.79 43.07
C THR A 703 7.42 8.73 43.09
N GLN A 704 6.33 8.96 42.37
CA GLN A 704 5.24 8.00 42.36
C GLN A 704 4.69 7.68 40.99
N TRP A 705 4.07 6.51 40.90
CA TRP A 705 3.45 6.03 39.68
C TRP A 705 1.94 6.36 39.63
N TYR A 706 1.45 6.78 38.47
CA TYR A 706 0.05 7.11 38.29
C TYR A 706 -0.49 6.27 37.12
N ARG A 707 -1.66 5.66 37.31
CA ARG A 707 -2.23 4.83 36.27
C ARG A 707 -2.87 5.65 35.18
N VAL A 708 -2.50 5.35 33.92
CA VAL A 708 -3.05 6.03 32.74
C VAL A 708 -4.15 5.14 32.13
N THR A 709 -3.90 3.84 32.08
CA THR A 709 -4.88 2.88 31.59
C THR A 709 -4.62 1.49 32.10
N ASP A 710 -5.67 0.69 32.06
CA ASP A 710 -5.69 -0.71 32.45
C ASP A 710 -6.71 -1.29 31.46
N THR A 711 -6.25 -2.12 30.53
CA THR A 711 -7.16 -2.66 29.52
C THR A 711 -8.15 -3.69 30.00
N CYS A 712 -7.98 -4.15 31.24
CA CYS A 712 -8.87 -5.16 31.85
C CYS A 712 -10.36 -4.88 31.77
N ASP A 713 -11.15 -5.95 31.79
CA ASP A 713 -12.60 -5.87 31.71
C ASP A 713 -13.26 -4.94 32.70
N TRP A 714 -12.79 -4.91 33.94
CA TRP A 714 -13.43 -4.04 34.94
C TRP A 714 -13.34 -2.59 34.56
N ASN A 715 -12.32 -2.25 33.78
CA ASN A 715 -12.09 -0.87 33.37
C ASN A 715 -12.74 -0.46 32.04
N ASP A 716 -13.56 -1.34 31.48
CA ASP A 716 -14.22 -1.08 30.22
C ASP A 716 -15.26 0.02 30.37
N GLY A 717 -15.19 1.02 29.50
CA GLY A 717 -16.13 2.12 29.56
C GLY A 717 -15.62 3.28 28.75
N ALA A 718 -16.11 4.47 29.04
CA ALA A 718 -15.68 5.64 28.30
C ALA A 718 -14.34 6.17 28.80
N SER A 719 -14.04 5.90 30.06
CA SER A 719 -12.81 6.38 30.68
C SER A 719 -11.73 5.35 30.98
N THR A 720 -11.66 4.27 30.19
CA THR A 720 -10.63 3.28 30.44
C THR A 720 -9.25 3.90 30.22
N PHE A 721 -9.18 4.89 29.35
CA PHE A 721 -7.93 5.60 29.16
C PHE A 721 -8.25 6.99 29.71
N VAL A 722 -7.53 7.41 30.74
CA VAL A 722 -7.83 8.72 31.33
C VAL A 722 -7.35 9.90 30.53
N ALA A 723 -7.98 11.03 30.78
CA ALA A 723 -7.62 12.26 30.14
C ALA A 723 -6.43 12.77 30.93
N PRO A 724 -5.48 13.45 30.27
CA PRO A 724 -4.30 13.96 30.96
C PRO A 724 -4.64 14.71 32.25
N GLY A 725 -3.91 14.42 33.31
CA GLY A 725 -4.17 15.08 34.57
C GLY A 725 -5.10 14.31 35.48
N SER A 726 -5.76 13.30 34.96
CA SER A 726 -6.67 12.48 35.76
C SER A 726 -6.09 11.09 36.03
N GLU A 727 -4.76 10.99 36.01
CA GLU A 727 -4.13 9.70 36.27
C GLU A 727 -4.33 9.38 37.75
N THR A 728 -4.62 8.12 38.03
CA THR A 728 -4.86 7.66 39.39
C THR A 728 -3.58 7.31 40.10
N LEU A 729 -3.36 7.93 41.26
CA LEU A 729 -2.17 7.67 42.05
C LEU A 729 -2.20 6.23 42.46
N ILE A 730 -1.17 5.49 42.08
CA ILE A 730 -1.09 4.09 42.45
C ILE A 730 -0.11 3.95 43.61
N GLY A 731 1.08 4.48 43.44
CA GLY A 731 2.07 4.39 44.50
C GLY A 731 3.48 4.47 44.00
N GLY A 732 4.44 4.41 44.92
CA GLY A 732 5.83 4.48 44.53
C GLY A 732 6.44 3.12 44.55
N ALA A 733 7.75 3.07 44.74
CA ALA A 733 8.48 1.81 44.77
C ALA A 733 7.91 0.79 45.76
N GLY A 734 7.69 -0.42 45.29
CA GLY A 734 7.18 -1.47 46.14
C GLY A 734 5.67 -1.67 46.09
N THR A 735 4.92 -0.66 45.67
CA THR A 735 3.48 -0.80 45.58
C THR A 735 3.20 -1.95 44.61
N THR A 736 2.14 -2.70 44.87
CA THR A 736 1.80 -3.80 43.99
C THR A 736 0.58 -3.43 43.15
N TYR A 737 0.36 -4.19 42.08
CA TYR A 737 -0.78 -3.96 41.20
C TYR A 737 -1.23 -5.32 40.70
N GLY A 738 -2.50 -5.66 40.93
CA GLY A 738 -3.01 -6.94 40.47
C GLY A 738 -3.50 -6.73 39.06
N GLN A 739 -2.81 -7.33 38.11
CA GLN A 739 -3.11 -7.21 36.68
C GLN A 739 -3.89 -8.41 36.17
N CYS A 740 -5.07 -8.18 35.61
CA CYS A 740 -5.85 -9.32 35.11
C CYS A 740 -5.08 -9.99 33.95
N GLY A 741 -5.40 -11.25 33.66
CA GLY A 741 -4.72 -11.97 32.60
C GLY A 741 -4.94 -11.38 31.22
N GLN A 742 -3.95 -11.51 30.34
CA GLN A 742 -4.03 -11.02 28.97
C GLN A 742 -4.52 -9.57 28.85
N SER A 743 -3.69 -8.66 29.34
CA SER A 743 -4.03 -7.26 29.35
C SER A 743 -2.76 -6.43 29.49
N LEU A 744 -2.93 -5.12 29.47
CA LEU A 744 -1.81 -4.20 29.53
C LEU A 744 -2.08 -3.13 30.57
N LEU A 745 -1.02 -2.68 31.24
CA LEU A 745 -1.09 -1.60 32.24
C LEU A 745 -0.13 -0.49 31.79
N LEU A 746 -0.58 0.76 31.84
CA LEU A 746 0.25 1.91 31.45
C LEU A 746 0.35 2.86 32.65
N LEU A 747 1.56 3.29 33.00
CA LEU A 747 1.78 4.16 34.14
C LEU A 747 2.80 5.24 33.84
N ILE A 748 2.61 6.43 34.42
CA ILE A 748 3.58 7.49 34.27
C ILE A 748 3.96 7.91 35.68
N SER A 749 5.16 8.45 35.83
CA SER A 749 5.63 8.88 37.13
C SER A 749 5.54 10.38 37.24
N LYS A 750 5.26 10.85 38.44
CA LYS A 750 5.18 12.28 38.73
C LYS A 750 5.90 12.55 40.06
#